data_7MQN
#
_entry.id   7MQN
#
_cell.length_a   165.978
_cell.length_b   72.090
_cell.length_c   115.280
_cell.angle_alpha   90.000
_cell.angle_beta   132.790
_cell.angle_gamma   90.000
#
_symmetry.space_group_name_H-M   'C 1 2 1'
#
loop_
_entity.id
_entity.type
_entity.pdbx_description
1 polymer Beta-lactamase
2 non-polymer 'PHOSPHATE ION'
3 water water
#
_entity_poly.entity_id   1
_entity_poly.type   'polypeptide(L)'
_entity_poly.pdbx_seq_one_letter_code
;SNAAAAAFESVIEEHDIPGLVVGVTHGGRHSFYQTGLASREDQQPVTPDTLFELGSISKIFNVTLAALAEERGALSLDAP
VADYLPSLRGSPAGELTLIDLATHHTGGLPLQVPDEVADVDRLVDWLRSWRPPEPGTRSYSNISIGLLGHITAGVLGMSY
ADASQTVIFPALGLKSTWIDVPTDAMGRYAFGYDRKTDAPTRVTPGVLDDEAYGVKSSARDMLTLLDLELGTGTASPEVQ
TAVATTQEGRFQTRLYTQAMIWEAYPWPVDPERLVEGNGYDFILQPQPVDEVDTTPDRRVILNKTGSTNGFGGYIAIVPS
EDLGVVVLANRNYPNEARVRATYDLITHILA
;
_entity_poly.pdbx_strand_id   A,B
#
loop_
_chem_comp.id
_chem_comp.type
_chem_comp.name
_chem_comp.formula
PO4 non-polymer 'PHOSPHATE ION' 'O4 P -3'
#
# COMPACT_ATOMS: atom_id res chain seq x y z
N SER A 1 7.78 -32.66 -17.21
CA SER A 1 7.21 -31.73 -18.17
C SER A 1 5.86 -31.20 -17.70
N ASN A 2 5.51 -31.54 -16.45
CA ASN A 2 4.24 -31.14 -15.84
C ASN A 2 4.44 -30.23 -14.64
N ALA A 3 5.61 -29.59 -14.52
CA ALA A 3 5.95 -28.86 -13.30
C ALA A 3 5.14 -27.58 -13.15
N ALA A 4 4.93 -26.86 -14.25
CA ALA A 4 4.15 -25.61 -14.18
C ALA A 4 2.71 -25.86 -13.78
N ALA A 5 2.12 -27.00 -14.20
CA ALA A 5 0.73 -27.26 -13.82
C ALA A 5 0.60 -27.46 -12.32
N ALA A 6 1.52 -28.23 -11.72
CA ALA A 6 1.46 -28.44 -10.28
C ALA A 6 1.74 -27.16 -9.50
N ALA A 7 2.66 -26.33 -10.00
CA ALA A 7 3.02 -25.12 -9.27
C ALA A 7 1.88 -24.09 -9.24
N PHE A 8 1.03 -24.08 -10.26
CA PHE A 8 0.01 -23.04 -10.36
C PHE A 8 -1.41 -23.56 -10.13
N GLU A 9 -1.57 -24.86 -9.92
CA GLU A 9 -2.90 -25.45 -9.69
C GLU A 9 -3.63 -24.76 -8.53
N SER A 10 -2.92 -24.43 -7.46
CA SER A 10 -3.58 -23.84 -6.29
C SER A 10 -4.03 -22.42 -6.56
N VAL A 11 -3.15 -21.59 -7.14
CA VAL A 11 -3.53 -20.20 -7.33
C VAL A 11 -4.66 -20.07 -8.35
N ILE A 12 -4.72 -20.98 -9.33
CA ILE A 12 -5.76 -20.91 -10.35
C ILE A 12 -7.13 -21.10 -9.70
N GLU A 13 -7.22 -21.97 -8.72
CA GLU A 13 -8.50 -22.22 -8.06
C GLU A 13 -8.79 -21.23 -6.94
N GLU A 14 -7.76 -20.78 -6.20
CA GLU A 14 -7.97 -19.81 -5.14
C GLU A 14 -8.44 -18.47 -5.69
N HIS A 15 -8.15 -18.16 -6.95
CA HIS A 15 -8.52 -16.86 -7.51
C HIS A 15 -9.32 -16.99 -8.79
N ASP A 16 -9.78 -18.19 -9.13
CA ASP A 16 -10.63 -18.41 -10.29
C ASP A 16 -10.03 -17.72 -11.52
N ILE A 17 -8.79 -18.09 -11.82
CA ILE A 17 -8.07 -17.54 -12.95
C ILE A 17 -8.63 -18.17 -14.22
N PRO A 18 -9.30 -17.41 -15.08
CA PRO A 18 -9.93 -18.03 -16.26
C PRO A 18 -8.92 -18.62 -17.22
N GLY A 19 -7.81 -17.93 -17.45
CA GLY A 19 -6.79 -18.43 -18.36
C GLY A 19 -5.42 -18.05 -17.88
N LEU A 20 -4.45 -18.91 -18.16
CA LEU A 20 -3.09 -18.70 -17.68
C LEU A 20 -2.12 -19.40 -18.62
N VAL A 21 -0.97 -18.78 -18.84
CA VAL A 21 0.10 -19.39 -19.63
C VAL A 21 1.42 -19.18 -18.89
N VAL A 22 2.28 -20.19 -18.97
CA VAL A 22 3.61 -20.17 -18.38
C VAL A 22 4.58 -20.57 -19.48
N GLY A 23 5.40 -19.62 -19.93
CA GLY A 23 6.51 -19.94 -20.82
C GLY A 23 7.78 -20.05 -20.00
N VAL A 24 8.60 -21.06 -20.33
CA VAL A 24 9.88 -21.28 -19.67
C VAL A 24 10.95 -21.34 -20.74
N THR A 25 12.04 -20.59 -20.54
CA THR A 25 13.22 -20.76 -21.37
C THR A 25 14.38 -21.19 -20.48
N HIS A 26 15.04 -22.28 -20.88
CA HIS A 26 16.10 -22.88 -20.09
C HIS A 26 17.13 -23.44 -21.06
N GLY A 27 18.33 -22.87 -21.07
CA GLY A 27 19.33 -23.28 -22.04
C GLY A 27 18.90 -23.11 -23.48
N GLY A 28 18.07 -22.10 -23.77
CA GLY A 28 17.57 -21.88 -25.10
C GLY A 28 16.33 -22.64 -25.47
N ARG A 29 15.96 -23.67 -24.70
CA ARG A 29 14.80 -24.50 -25.00
C ARG A 29 13.54 -23.83 -24.46
N HIS A 30 12.58 -23.57 -25.33
CA HIS A 30 11.29 -22.98 -24.96
C HIS A 30 10.26 -24.05 -24.68
N SER A 31 9.50 -23.87 -23.60
CA SER A 31 8.34 -24.71 -23.28
C SER A 31 7.20 -23.83 -22.79
N PHE A 32 5.97 -24.30 -23.01
CA PHE A 32 4.78 -23.57 -22.57
C PHE A 32 3.81 -24.50 -21.86
N TYR A 33 3.14 -23.96 -20.85
CA TYR A 33 2.00 -24.59 -20.21
C TYR A 33 0.82 -23.64 -20.33
N GLN A 34 -0.29 -24.13 -20.88
CA GLN A 34 -1.46 -23.30 -21.18
C GLN A 34 -2.70 -23.94 -20.58
N THR A 35 -3.59 -23.12 -20.02
CA THR A 35 -4.79 -23.69 -19.42
C THR A 35 -5.89 -22.64 -19.39
N GLY A 36 -7.11 -23.06 -19.67
CA GLY A 36 -8.23 -22.15 -19.58
C GLY A 36 -8.48 -21.35 -20.83
N LEU A 37 -9.27 -20.31 -20.65
CA LEU A 37 -9.81 -19.55 -21.78
C LEU A 37 -9.30 -18.11 -21.73
N ALA A 38 -8.90 -17.60 -22.90
CA ALA A 38 -8.63 -16.18 -23.06
C ALA A 38 -9.93 -15.37 -23.02
N SER A 39 -11.05 -15.98 -23.42
CA SER A 39 -12.36 -15.35 -23.38
C SER A 39 -13.40 -16.39 -22.97
N ARG A 40 -14.18 -16.07 -21.94
CA ARG A 40 -15.19 -17.02 -21.47
C ARG A 40 -16.32 -17.17 -22.50
N GLU A 41 -16.78 -16.07 -23.09
CA GLU A 41 -18.02 -16.09 -23.88
C GLU A 41 -17.91 -17.01 -25.09
N ASP A 42 -16.93 -16.78 -25.95
CA ASP A 42 -16.75 -17.60 -27.14
C ASP A 42 -15.79 -18.77 -26.92
N GLN A 43 -15.33 -18.98 -25.69
CA GLN A 43 -14.54 -20.15 -25.33
C GLN A 43 -13.26 -20.26 -26.16
N GLN A 44 -12.59 -19.12 -26.38
CA GLN A 44 -11.29 -19.13 -27.00
C GLN A 44 -10.25 -19.55 -25.96
N PRO A 45 -9.47 -20.60 -26.19
CA PRO A 45 -8.47 -21.02 -25.22
C PRO A 45 -7.22 -20.14 -25.23
N VAL A 46 -6.52 -20.14 -24.11
CA VAL A 46 -5.20 -19.55 -24.04
C VAL A 46 -4.22 -20.40 -24.86
N THR A 47 -3.37 -19.75 -25.63
CA THR A 47 -2.26 -20.40 -26.32
C THR A 47 -0.98 -19.59 -26.05
N PRO A 48 0.18 -20.10 -26.49
CA PRO A 48 1.39 -19.27 -26.43
C PRO A 48 1.30 -17.98 -27.26
N ASP A 49 0.28 -17.83 -28.10
CA ASP A 49 0.13 -16.65 -28.93
C ASP A 49 -0.99 -15.73 -28.46
N THR A 50 -1.73 -16.10 -27.43
CA THR A 50 -2.69 -15.20 -26.82
C THR A 50 -2.00 -13.95 -26.30
N LEU A 51 -2.58 -12.77 -26.61
CA LEU A 51 -2.07 -11.50 -26.10
C LEU A 51 -2.66 -11.18 -24.74
N PHE A 52 -1.80 -10.81 -23.80
CA PHE A 52 -2.20 -10.34 -22.48
C PHE A 52 -1.72 -8.90 -22.28
N GLU A 53 -2.40 -8.19 -21.38
CA GLU A 53 -1.94 -6.88 -20.94
C GLU A 53 -0.79 -7.06 -19.96
N LEU A 54 0.37 -6.44 -20.26
CA LEU A 54 1.56 -6.61 -19.43
C LEU A 54 1.60 -5.68 -18.22
N GLY A 55 0.82 -4.59 -18.21
CA GLY A 55 0.87 -3.66 -17.10
C GLY A 55 2.27 -3.08 -16.96
N SER A 56 2.77 -3.06 -15.71
CA SER A 56 4.09 -2.47 -15.43
C SER A 56 5.24 -3.21 -16.10
N ILE A 57 5.03 -4.45 -16.57
CA ILE A 57 6.09 -5.14 -17.28
C ILE A 57 6.41 -4.40 -18.58
N SER A 58 5.45 -3.65 -19.13
CA SER A 58 5.71 -2.71 -20.23
C SER A 58 6.92 -1.82 -19.95
N LYS A 59 7.15 -1.47 -18.69
CA LYS A 59 8.25 -0.57 -18.34
C LYS A 59 9.61 -1.16 -18.68
N ILE A 60 9.71 -2.48 -18.79
CA ILE A 60 10.95 -3.09 -19.28
C ILE A 60 11.27 -2.56 -20.68
N PHE A 61 10.28 -2.59 -21.58
CA PHE A 61 10.51 -2.09 -22.94
C PHE A 61 10.90 -0.62 -22.93
N ASN A 62 10.23 0.18 -22.09
CA ASN A 62 10.55 1.58 -21.89
C ASN A 62 12.06 1.78 -21.62
N VAL A 63 12.59 1.15 -20.56
CA VAL A 63 13.99 1.40 -20.23
C VAL A 63 14.93 0.81 -21.27
N THR A 64 14.55 -0.30 -21.92
CA THR A 64 15.42 -0.82 -22.98
C THR A 64 15.54 0.20 -24.11
N LEU A 65 14.43 0.84 -24.45
CA LEU A 65 14.42 1.86 -25.49
C LEU A 65 15.28 3.04 -25.08
N ALA A 66 15.19 3.46 -23.81
CA ALA A 66 16.07 4.52 -23.31
C ALA A 66 17.53 4.10 -23.37
N ALA A 67 17.83 2.84 -23.04
CA ALA A 67 19.20 2.38 -23.13
C ALA A 67 19.64 2.29 -24.58
N LEU A 68 18.74 1.83 -25.47
CA LEU A 68 19.04 1.81 -26.89
C LEU A 68 19.22 3.22 -27.43
N ALA A 69 18.43 4.17 -26.94
CA ALA A 69 18.64 5.56 -27.35
C ALA A 69 19.99 6.08 -26.86
N GLU A 70 20.45 5.61 -25.70
CA GLU A 70 21.77 6.03 -25.25
C GLU A 70 22.86 5.39 -26.11
N GLU A 71 22.74 4.10 -26.41
CA GLU A 71 23.69 3.43 -27.30
C GLU A 71 23.88 4.18 -28.61
N ARG A 72 22.83 4.89 -29.08
CA ARG A 72 22.88 5.63 -30.33
C ARG A 72 23.27 7.09 -30.16
N GLY A 73 23.49 7.56 -28.93
CA GLY A 73 23.90 8.94 -28.73
C GLY A 73 22.78 9.96 -28.74
N ALA A 74 21.53 9.53 -28.77
CA ALA A 74 20.42 10.47 -28.80
C ALA A 74 20.17 11.12 -27.44
N LEU A 75 20.62 10.49 -26.37
CA LEU A 75 20.48 11.04 -25.03
C LEU A 75 21.52 10.37 -24.15
N SER A 76 21.66 10.87 -22.93
CA SER A 76 22.51 10.24 -21.94
C SER A 76 21.70 10.02 -20.69
N LEU A 77 21.77 8.80 -20.14
CA LEU A 77 20.96 8.47 -18.98
C LEU A 77 21.37 9.23 -17.73
N ASP A 78 22.50 9.94 -17.76
CA ASP A 78 22.95 10.75 -16.64
C ASP A 78 22.50 12.20 -16.73
N ALA A 79 22.02 12.64 -17.89
CA ALA A 79 21.59 14.01 -18.04
C ALA A 79 20.39 14.30 -17.15
N PRO A 80 20.23 15.54 -16.70
CA PRO A 80 19.00 15.92 -15.99
C PRO A 80 17.80 15.99 -16.93
N VAL A 81 16.62 15.77 -16.34
CA VAL A 81 15.35 15.89 -17.06
C VAL A 81 15.24 17.25 -17.75
N ALA A 82 15.71 18.31 -17.08
CA ALA A 82 15.61 19.66 -17.62
C ALA A 82 16.34 19.81 -18.96
N ASP A 83 17.35 18.98 -19.25
CA ASP A 83 17.93 19.03 -20.59
C ASP A 83 16.92 18.70 -21.68
N TYR A 84 15.83 18.00 -21.35
CA TYR A 84 14.85 17.58 -22.33
C TYR A 84 13.48 18.21 -22.15
N LEU A 85 13.10 18.55 -20.91
CA LEU A 85 11.92 19.34 -20.62
C LEU A 85 12.37 20.67 -20.03
N PRO A 86 12.68 21.67 -20.87
CA PRO A 86 13.37 22.86 -20.36
C PRO A 86 12.54 23.73 -19.45
N SER A 87 11.20 23.64 -19.48
CA SER A 87 10.41 24.38 -18.50
C SER A 87 10.63 23.89 -17.08
N LEU A 88 11.35 22.79 -16.91
CA LEU A 88 11.59 22.22 -15.60
C LEU A 88 12.95 22.58 -15.04
N ARG A 89 13.71 23.45 -15.74
CA ARG A 89 15.02 23.83 -15.25
C ARG A 89 14.88 24.57 -13.93
N GLY A 90 15.70 24.22 -12.95
CA GLY A 90 15.68 24.85 -11.65
C GLY A 90 14.75 24.20 -10.65
N SER A 91 13.88 23.29 -11.08
CA SER A 91 12.92 22.62 -10.21
C SER A 91 13.46 21.27 -9.78
N PRO A 92 13.01 20.74 -8.64
CA PRO A 92 13.45 19.39 -8.26
C PRO A 92 13.21 18.34 -9.33
N ALA A 93 12.06 18.39 -10.03
CA ALA A 93 11.79 17.40 -11.08
C ALA A 93 12.76 17.53 -12.24
N GLY A 94 13.09 18.76 -12.64
CA GLY A 94 14.04 18.96 -13.71
C GLY A 94 15.47 18.61 -13.35
N GLU A 95 15.76 18.46 -12.06
CA GLU A 95 17.09 18.05 -11.62
C GLU A 95 17.19 16.54 -11.37
N LEU A 96 16.08 15.81 -11.40
CA LEU A 96 16.19 14.38 -11.54
C LEU A 96 16.94 14.05 -12.83
N THR A 97 17.67 12.94 -12.81
CA THR A 97 18.32 12.41 -14.00
C THR A 97 17.41 11.37 -14.64
N LEU A 98 17.71 11.01 -15.90
CA LEU A 98 16.93 9.96 -16.55
C LEU A 98 17.09 8.63 -15.82
N ILE A 99 18.29 8.36 -15.29
CA ILE A 99 18.50 7.19 -14.45
C ILE A 99 17.57 7.22 -13.24
N ASP A 100 17.39 8.41 -12.62
CA ASP A 100 16.48 8.50 -11.47
C ASP A 100 15.07 8.09 -11.85
N LEU A 101 14.63 8.48 -13.05
CA LEU A 101 13.30 8.11 -13.51
C LEU A 101 13.18 6.61 -13.71
N ALA A 102 14.22 5.99 -14.29
CA ALA A 102 14.20 4.56 -14.59
C ALA A 102 14.28 3.70 -13.34
N THR A 103 14.70 4.27 -12.22
CA THR A 103 14.92 3.54 -10.98
C THR A 103 14.02 4.03 -9.85
N HIS A 104 13.07 4.92 -10.15
CA HIS A 104 12.13 5.51 -9.19
C HIS A 104 12.84 6.33 -8.11
N HIS A 105 14.05 6.81 -8.38
CA HIS A 105 14.82 7.53 -7.36
C HIS A 105 14.46 9.01 -7.40
N THR A 106 13.27 9.32 -6.84
CA THR A 106 12.66 10.63 -7.01
C THR A 106 12.28 11.33 -5.71
N GLY A 107 12.25 10.65 -4.59
CA GLY A 107 11.92 11.30 -3.34
C GLY A 107 10.45 11.31 -2.97
N GLY A 108 9.60 10.67 -3.78
CA GLY A 108 8.20 10.52 -3.43
C GLY A 108 7.25 11.13 -4.45
N LEU A 109 6.54 10.27 -5.18
CA LEU A 109 5.48 10.63 -6.11
C LEU A 109 4.27 9.74 -5.88
N PRO A 110 3.07 10.23 -6.15
CA PRO A 110 1.91 9.34 -6.18
C PRO A 110 2.12 8.26 -7.23
N LEU A 111 1.54 7.08 -6.99
CA LEU A 111 1.67 5.98 -7.94
C LEU A 111 1.06 6.32 -9.30
N GLN A 112 -0.11 6.96 -9.30
CA GLN A 112 -0.83 7.27 -10.52
C GLN A 112 -0.74 8.75 -10.86
N VAL A 113 -0.80 9.05 -12.15
CA VAL A 113 -1.00 10.42 -12.61
C VAL A 113 -2.21 10.95 -11.84
N PRO A 114 -2.13 12.15 -11.26
CA PRO A 114 -3.28 12.69 -10.52
C PRO A 114 -4.50 12.81 -11.43
N ASP A 115 -5.67 12.51 -10.85
CA ASP A 115 -6.94 12.63 -11.56
C ASP A 115 -7.10 13.98 -12.25
N GLU A 116 -6.62 15.06 -11.64
CA GLU A 116 -6.83 16.41 -12.14
C GLU A 116 -5.94 16.76 -13.33
N VAL A 117 -4.96 15.93 -13.70
CA VAL A 117 -4.06 16.22 -14.80
C VAL A 117 -4.64 15.62 -16.08
N ALA A 118 -4.85 16.45 -17.08
CA ALA A 118 -5.58 16.02 -18.28
C ALA A 118 -4.68 15.50 -19.39
N ASP A 119 -3.40 15.84 -19.40
CA ASP A 119 -2.51 15.40 -20.48
C ASP A 119 -1.05 15.57 -20.02
N VAL A 120 -0.13 15.21 -20.91
CA VAL A 120 1.28 15.18 -20.49
C VAL A 120 1.84 16.60 -20.36
N ASP A 121 1.35 17.56 -21.15
CA ASP A 121 1.80 18.94 -20.95
C ASP A 121 1.37 19.47 -19.58
N ARG A 122 0.12 19.20 -19.19
CA ARG A 122 -0.32 19.59 -17.86
C ARG A 122 0.44 18.84 -16.77
N LEU A 123 0.90 17.62 -17.05
CA LEU A 123 1.66 16.87 -16.07
C LEU A 123 3.04 17.49 -15.88
N VAL A 124 3.66 17.95 -16.96
CA VAL A 124 4.91 18.70 -16.86
C VAL A 124 4.73 19.95 -16.01
N ASP A 125 3.63 20.69 -16.19
CA ASP A 125 3.39 21.85 -15.33
C ASP A 125 3.26 21.44 -13.87
N TRP A 126 2.54 20.35 -13.63
CA TRP A 126 2.33 19.84 -12.28
C TRP A 126 3.67 19.48 -11.64
N LEU A 127 4.55 18.84 -12.41
CA LEU A 127 5.88 18.49 -11.90
C LEU A 127 6.70 19.73 -11.55
N ARG A 128 6.49 20.84 -12.27
CA ARG A 128 7.30 22.03 -11.99
C ARG A 128 7.15 22.49 -10.54
N SER A 129 5.95 22.40 -9.97
CA SER A 129 5.77 22.85 -8.59
C SER A 129 5.73 21.70 -7.59
N TRP A 130 6.04 20.48 -8.03
CA TRP A 130 6.12 19.32 -7.14
C TRP A 130 7.38 19.41 -6.26
N ARG A 131 7.23 19.04 -4.99
CA ARG A 131 8.37 18.94 -4.07
C ARG A 131 8.41 17.54 -3.47
N PRO A 132 9.45 16.76 -3.69
CA PRO A 132 9.54 15.43 -3.07
C PRO A 132 9.53 15.52 -1.56
N PRO A 133 8.63 14.80 -0.87
CA PRO A 133 8.61 14.87 0.60
C PRO A 133 9.83 14.26 1.24
N GLU A 134 10.46 13.26 0.60
CA GLU A 134 11.59 12.53 1.19
C GLU A 134 12.67 12.39 0.12
N PRO A 135 13.40 13.48 -0.13
CA PRO A 135 14.42 13.47 -1.20
C PRO A 135 15.39 12.30 -1.06
N GLY A 136 15.72 11.70 -2.21
CA GLY A 136 16.66 10.60 -2.25
C GLY A 136 16.06 9.22 -2.03
N THR A 137 14.79 9.12 -1.68
CA THR A 137 14.18 7.82 -1.48
C THR A 137 13.65 7.28 -2.81
N ARG A 138 13.44 5.97 -2.83
CA ARG A 138 12.80 5.30 -3.95
C ARG A 138 11.29 5.35 -3.78
N SER A 139 10.58 5.72 -4.84
CA SER A 139 9.12 5.85 -4.78
C SER A 139 8.56 5.35 -6.10
N TYR A 140 7.94 4.17 -6.06
CA TYR A 140 7.42 3.53 -7.26
C TYR A 140 6.28 4.35 -7.85
N SER A 141 6.39 4.73 -9.12
CA SER A 141 5.39 5.62 -9.70
C SER A 141 5.33 5.47 -11.22
N ASN A 142 4.11 5.50 -11.76
CA ASN A 142 3.91 5.61 -13.20
C ASN A 142 4.33 6.97 -13.74
N ILE A 143 4.35 7.99 -12.88
CA ILE A 143 4.63 9.36 -13.34
C ILE A 143 6.05 9.46 -13.87
N SER A 144 7.02 8.95 -13.10
CA SER A 144 8.42 9.11 -13.46
C SER A 144 8.82 8.19 -14.62
N ILE A 145 8.43 6.91 -14.57
CA ILE A 145 8.77 6.03 -15.69
C ILE A 145 8.03 6.46 -16.95
N GLY A 146 6.81 6.96 -16.81
CA GLY A 146 6.08 7.46 -17.96
C GLY A 146 6.77 8.66 -18.58
N LEU A 147 7.26 9.60 -17.75
CA LEU A 147 7.94 10.77 -18.27
C LEU A 147 9.19 10.38 -19.06
N LEU A 148 9.93 9.36 -18.57
CA LEU A 148 11.13 8.92 -19.29
C LEU A 148 10.79 8.43 -20.71
N GLY A 149 9.71 7.67 -20.85
CA GLY A 149 9.30 7.24 -22.17
C GLY A 149 8.94 8.41 -23.07
N HIS A 150 8.25 9.40 -22.51
CA HIS A 150 7.95 10.62 -23.23
C HIS A 150 9.21 11.35 -23.66
N ILE A 151 10.21 11.41 -22.79
CA ILE A 151 11.48 12.06 -23.14
C ILE A 151 12.19 11.28 -24.24
N THR A 152 12.31 9.97 -24.09
CA THR A 152 12.98 9.12 -25.07
C THR A 152 12.32 9.24 -26.44
N ALA A 153 10.99 9.16 -26.47
CA ALA A 153 10.29 9.29 -27.75
C ALA A 153 10.55 10.67 -28.36
N GLY A 154 10.55 11.70 -27.52
CA GLY A 154 10.83 13.04 -28.03
C GLY A 154 12.20 13.14 -28.65
N VAL A 155 13.19 12.47 -28.05
CA VAL A 155 14.54 12.52 -28.57
C VAL A 155 14.65 11.73 -29.88
N LEU A 156 13.74 10.78 -30.12
CA LEU A 156 13.76 9.99 -31.34
C LEU A 156 12.89 10.60 -32.44
N GLY A 157 12.12 11.65 -32.14
CA GLY A 157 11.34 12.34 -33.15
C GLY A 157 10.04 11.68 -33.53
N MET A 158 9.42 10.93 -32.63
CA MET A 158 8.21 10.18 -32.98
C MET A 158 7.43 9.88 -31.71
N SER A 159 6.18 9.50 -31.89
CA SER A 159 5.34 9.06 -30.77
C SER A 159 6.01 7.89 -30.05
N TYR A 160 5.68 7.75 -28.76
CA TYR A 160 6.15 6.59 -28.02
C TYR A 160 5.61 5.30 -28.63
N ALA A 161 4.40 5.35 -29.20
CA ALA A 161 3.86 4.18 -29.90
C ALA A 161 4.75 3.80 -31.08
N ASP A 162 5.18 4.79 -31.88
CA ASP A 162 6.01 4.49 -33.04
C ASP A 162 7.42 4.12 -32.64
N ALA A 163 7.90 4.68 -31.53
CA ALA A 163 9.20 4.25 -31.00
C ALA A 163 9.13 2.81 -30.54
N SER A 164 8.03 2.40 -29.92
CA SER A 164 7.92 1.01 -29.50
C SER A 164 7.83 0.09 -30.70
N GLN A 165 6.86 0.37 -31.59
CA GLN A 165 6.52 -0.56 -32.67
C GLN A 165 7.49 -0.51 -33.84
N THR A 166 8.19 0.60 -34.07
CA THR A 166 9.11 0.67 -35.22
C THR A 166 10.58 0.69 -34.82
N VAL A 167 10.92 0.89 -33.53
CA VAL A 167 12.31 0.87 -33.09
C VAL A 167 12.60 -0.33 -32.18
N ILE A 168 12.04 -0.35 -30.95
CA ILE A 168 12.52 -1.32 -29.96
C ILE A 168 11.94 -2.73 -30.21
N PHE A 169 10.65 -2.85 -30.52
CA PHE A 169 10.11 -4.19 -30.77
C PHE A 169 10.80 -4.89 -31.94
N PRO A 170 11.00 -4.24 -33.11
CA PRO A 170 11.77 -4.93 -34.18
C PRO A 170 13.19 -5.23 -33.77
N ALA A 171 13.87 -4.28 -33.12
CA ALA A 171 15.23 -4.51 -32.67
C ALA A 171 15.31 -5.74 -31.77
N LEU A 172 14.28 -6.00 -30.98
CA LEU A 172 14.25 -7.17 -30.11
C LEU A 172 13.74 -8.42 -30.81
N GLY A 173 13.38 -8.34 -32.09
CA GLY A 173 12.90 -9.50 -32.80
C GLY A 173 11.48 -9.94 -32.50
N LEU A 174 10.64 -9.06 -31.98
CA LEU A 174 9.30 -9.46 -31.58
C LEU A 174 8.31 -9.28 -32.73
N LYS A 175 7.33 -10.17 -32.81
CA LYS A 175 6.34 -10.12 -33.88
C LYS A 175 4.90 -10.15 -33.40
N SER A 176 4.67 -10.26 -32.10
CA SER A 176 3.34 -10.22 -31.51
C SER A 176 3.33 -9.30 -30.30
N THR A 177 4.00 -8.17 -30.39
CA THR A 177 4.06 -7.23 -29.27
C THR A 177 3.65 -5.87 -29.78
N TRP A 178 2.64 -5.27 -29.14
CA TRP A 178 2.00 -4.07 -29.65
C TRP A 178 1.60 -3.12 -28.52
N ILE A 179 1.73 -1.83 -28.79
CA ILE A 179 0.99 -0.84 -28.02
C ILE A 179 -0.46 -0.76 -28.51
N ASP A 180 -0.63 -0.65 -29.83
CA ASP A 180 -1.93 -0.66 -30.48
C ASP A 180 -2.05 -1.97 -31.26
N VAL A 181 -2.87 -2.88 -30.77
CA VAL A 181 -3.04 -4.21 -31.39
C VAL A 181 -3.75 -4.03 -32.74
N PRO A 182 -3.22 -4.54 -33.84
CA PRO A 182 -3.86 -4.32 -35.15
C PRO A 182 -5.03 -5.26 -35.37
N THR A 183 -5.79 -4.98 -36.43
CA THR A 183 -7.05 -5.68 -36.69
C THR A 183 -6.86 -7.19 -36.75
N ASP A 184 -5.85 -7.65 -37.50
CA ASP A 184 -5.64 -9.10 -37.67
C ASP A 184 -5.28 -9.80 -36.37
N ALA A 185 -4.82 -9.07 -35.36
CA ALA A 185 -4.42 -9.69 -34.11
C ALA A 185 -5.45 -9.55 -33.00
N MET A 186 -6.50 -8.76 -33.21
CA MET A 186 -7.48 -8.52 -32.14
C MET A 186 -8.17 -9.81 -31.69
N GLY A 187 -8.32 -10.79 -32.59
CA GLY A 187 -8.90 -12.06 -32.17
C GLY A 187 -8.07 -12.78 -31.11
N ARG A 188 -6.76 -12.52 -31.08
CA ARG A 188 -5.89 -13.14 -30.08
C ARG A 188 -5.85 -12.40 -28.75
N TYR A 189 -6.45 -11.22 -28.68
CA TYR A 189 -6.36 -10.36 -27.49
C TYR A 189 -7.30 -10.90 -26.41
N ALA A 190 -6.72 -11.42 -25.32
CA ALA A 190 -7.53 -12.00 -24.25
C ALA A 190 -8.42 -10.94 -23.61
N PHE A 191 -9.57 -11.38 -23.09
CA PHE A 191 -10.35 -10.53 -22.19
C PHE A 191 -9.79 -10.65 -20.78
N GLY A 192 -9.76 -9.54 -20.05
CA GLY A 192 -9.51 -9.60 -18.62
C GLY A 192 -10.79 -9.80 -17.84
N TYR A 193 -10.66 -10.24 -16.59
CA TYR A 193 -11.83 -10.49 -15.76
C TYR A 193 -11.65 -9.81 -14.41
N ASP A 194 -12.54 -8.87 -14.14
CA ASP A 194 -12.47 -8.03 -12.95
C ASP A 194 -12.58 -8.87 -11.69
N ARG A 195 -11.73 -8.56 -10.70
CA ARG A 195 -11.73 -9.29 -9.43
C ARG A 195 -13.09 -9.21 -8.74
N LYS A 196 -13.66 -8.00 -8.66
CA LYS A 196 -14.90 -7.81 -7.91
C LYS A 196 -16.12 -8.30 -8.69
N THR A 197 -16.30 -7.84 -9.93
CA THR A 197 -17.54 -8.08 -10.67
C THR A 197 -17.47 -9.27 -11.61
N ASP A 198 -16.30 -9.87 -11.81
CA ASP A 198 -16.11 -11.01 -12.72
C ASP A 198 -16.51 -10.64 -14.15
N ALA A 199 -16.59 -9.34 -14.47
CA ALA A 199 -16.99 -8.76 -15.75
C ALA A 199 -15.78 -8.60 -16.66
N PRO A 200 -15.96 -8.81 -17.96
CA PRO A 200 -14.83 -8.68 -18.89
C PRO A 200 -14.28 -7.26 -18.89
N THR A 201 -12.96 -7.13 -19.01
CA THR A 201 -12.38 -5.80 -18.89
C THR A 201 -11.12 -5.68 -19.76
N ARG A 202 -10.80 -4.45 -20.10
CA ARG A 202 -9.66 -4.12 -20.94
C ARG A 202 -9.11 -2.80 -20.44
N VAL A 203 -7.78 -2.64 -20.54
CA VAL A 203 -7.15 -1.42 -20.03
C VAL A 203 -7.86 -0.21 -20.62
N THR A 204 -8.07 0.83 -19.77
CA THR A 204 -8.70 2.05 -20.24
C THR A 204 -7.64 3.13 -20.47
N PRO A 205 -7.92 4.11 -21.33
CA PRO A 205 -6.93 5.15 -21.62
C PRO A 205 -6.62 6.00 -20.40
N GLY A 206 -5.42 6.59 -20.42
CA GLY A 206 -4.95 7.41 -19.33
C GLY A 206 -3.68 8.12 -19.74
N VAL A 207 -3.36 9.19 -19.00
CA VAL A 207 -2.15 9.95 -19.29
C VAL A 207 -0.93 9.06 -19.10
N LEU A 208 -0.04 9.06 -20.11
CA LEU A 208 1.18 8.26 -20.11
C LEU A 208 0.90 6.75 -20.10
N ASP A 209 -0.29 6.35 -20.56
CA ASP A 209 -0.59 4.92 -20.60
C ASP A 209 0.36 4.18 -21.54
N ASP A 210 0.55 4.69 -22.76
CA ASP A 210 1.48 4.03 -23.68
C ASP A 210 2.84 3.84 -23.03
N GLU A 211 3.37 4.92 -22.42
CA GLU A 211 4.75 4.94 -21.91
C GLU A 211 4.92 4.07 -20.66
N ALA A 212 3.87 3.93 -19.83
CA ALA A 212 3.98 3.25 -18.56
C ALA A 212 3.32 1.87 -18.50
N TYR A 213 2.25 1.61 -19.24
CA TYR A 213 1.61 0.30 -19.05
C TYR A 213 0.79 -0.17 -20.24
N GLY A 214 1.10 0.32 -21.44
CA GLY A 214 0.28 0.04 -22.59
C GLY A 214 0.70 -1.09 -23.51
N VAL A 215 1.68 -1.94 -23.12
CA VAL A 215 2.13 -3.01 -24.00
C VAL A 215 1.28 -4.25 -23.81
N LYS A 216 0.93 -4.89 -24.93
CA LYS A 216 0.34 -6.23 -24.97
C LYS A 216 1.32 -7.17 -25.66
N SER A 217 1.46 -8.37 -25.11
CA SER A 217 2.36 -9.34 -25.72
C SER A 217 1.87 -10.74 -25.43
N SER A 218 2.52 -11.72 -26.05
CA SER A 218 2.20 -13.12 -25.90
C SER A 218 3.34 -13.83 -25.17
N ALA A 219 3.00 -14.98 -24.59
CA ALA A 219 4.01 -15.78 -23.91
C ALA A 219 5.18 -16.09 -24.84
N ARG A 220 4.89 -16.44 -26.09
CA ARG A 220 5.95 -16.77 -27.04
C ARG A 220 6.89 -15.58 -27.26
N ASP A 221 6.34 -14.39 -27.50
CA ASP A 221 7.19 -13.21 -27.67
C ASP A 221 7.96 -12.90 -26.39
N MET A 222 7.34 -13.08 -25.23
CA MET A 222 8.04 -12.79 -23.99
C MET A 222 9.26 -13.69 -23.81
N LEU A 223 9.18 -14.96 -24.24
CA LEU A 223 10.36 -15.83 -24.18
C LEU A 223 11.47 -15.33 -25.10
N THR A 224 11.11 -14.82 -26.29
CA THR A 224 12.11 -14.14 -27.11
C THR A 224 12.78 -13.01 -26.33
N LEU A 225 11.99 -12.21 -25.63
CA LEU A 225 12.55 -11.15 -24.79
C LEU A 225 13.43 -11.72 -23.68
N LEU A 226 13.00 -12.81 -23.04
CA LEU A 226 13.79 -13.33 -21.94
C LEU A 226 15.09 -13.97 -22.42
N ASP A 227 15.09 -14.59 -23.61
CA ASP A 227 16.36 -15.05 -24.16
C ASP A 227 17.33 -13.89 -24.35
N LEU A 228 16.83 -12.74 -24.80
CA LEU A 228 17.69 -11.56 -24.91
C LEU A 228 18.15 -11.08 -23.53
N GLU A 229 17.26 -11.11 -22.53
CA GLU A 229 17.67 -10.69 -21.18
C GLU A 229 18.63 -11.67 -20.55
N LEU A 230 18.53 -12.95 -20.91
CA LEU A 230 19.51 -13.92 -20.43
C LEU A 230 20.85 -13.80 -21.14
N GLY A 231 20.94 -12.98 -22.20
CA GLY A 231 22.18 -12.84 -22.93
C GLY A 231 22.36 -13.83 -24.05
N THR A 232 21.34 -14.62 -24.36
CA THR A 232 21.45 -15.75 -25.27
C THR A 232 20.51 -15.60 -26.45
N GLY A 233 20.25 -14.37 -26.89
CA GLY A 233 19.37 -14.12 -27.99
C GLY A 233 20.11 -13.60 -29.23
N THR A 234 19.32 -13.33 -30.26
CA THR A 234 19.84 -12.73 -31.48
C THR A 234 19.48 -11.24 -31.49
N ALA A 235 20.52 -10.41 -31.47
CA ALA A 235 20.36 -8.96 -31.54
C ALA A 235 21.68 -8.34 -31.91
N SER A 236 21.62 -7.09 -32.37
CA SER A 236 22.82 -6.33 -32.67
C SER A 236 23.60 -6.03 -31.40
N PRO A 237 24.87 -5.63 -31.53
CA PRO A 237 25.63 -5.22 -30.34
C PRO A 237 24.98 -4.09 -29.55
N GLU A 238 24.36 -3.12 -30.25
CA GLU A 238 23.49 -2.10 -29.65
C GLU A 238 22.56 -2.68 -28.61
N VAL A 239 21.75 -3.65 -29.02
CA VAL A 239 20.65 -4.14 -28.20
C VAL A 239 21.19 -5.00 -27.07
N GLN A 240 22.18 -5.87 -27.36
CA GLN A 240 22.84 -6.64 -26.32
C GLN A 240 23.40 -5.72 -25.24
N THR A 241 23.94 -4.57 -25.64
CA THR A 241 24.47 -3.64 -24.65
C THR A 241 23.34 -2.93 -23.91
N ALA A 242 22.29 -2.54 -24.64
CA ALA A 242 21.17 -1.85 -23.99
C ALA A 242 20.52 -2.75 -22.95
N VAL A 243 20.26 -4.01 -23.31
CA VAL A 243 19.70 -4.97 -22.36
C VAL A 243 20.56 -5.03 -21.09
N ALA A 244 21.88 -5.17 -21.25
CA ALA A 244 22.75 -5.25 -20.06
C ALA A 244 22.73 -3.95 -19.27
N THR A 245 22.65 -2.81 -19.95
CA THR A 245 22.54 -1.54 -19.22
C THR A 245 21.33 -1.54 -18.29
N THR A 246 20.23 -2.16 -18.70
CA THR A 246 19.03 -2.09 -17.88
C THR A 246 19.10 -2.99 -16.65
N GLN A 247 20.01 -3.97 -16.62
CA GLN A 247 20.12 -4.83 -15.45
C GLN A 247 21.20 -4.40 -14.46
N GLU A 248 22.01 -3.40 -14.78
CA GLU A 248 23.06 -2.95 -13.85
C GLU A 248 22.45 -2.45 -12.55
N GLY A 249 23.03 -2.89 -11.43
CA GLY A 249 22.65 -2.39 -10.13
C GLY A 249 22.85 -0.89 -10.00
N ARG A 250 21.81 -0.18 -9.57
CA ARG A 250 21.87 1.27 -9.48
C ARG A 250 21.74 1.77 -8.06
N PHE A 251 20.74 1.28 -7.33
CA PHE A 251 20.49 1.64 -5.95
C PHE A 251 20.22 0.36 -5.18
N GLN A 252 20.53 0.39 -3.90
CA GLN A 252 20.24 -0.72 -3.00
C GLN A 252 19.08 -0.30 -2.11
N THR A 253 17.99 -1.07 -2.13
CA THR A 253 16.97 -0.91 -1.11
C THR A 253 17.22 -1.94 -0.02
N ARG A 254 16.37 -1.92 1.01
CA ARG A 254 16.52 -2.85 2.12
C ARG A 254 16.42 -4.30 1.65
N LEU A 255 15.68 -4.57 0.57
CA LEU A 255 15.38 -5.95 0.20
C LEU A 255 16.00 -6.42 -1.11
N TYR A 256 16.41 -5.51 -1.99
CA TYR A 256 16.92 -5.90 -3.30
C TYR A 256 17.74 -4.74 -3.87
N THR A 257 18.35 -4.99 -5.03
CA THR A 257 19.05 -3.95 -5.78
C THR A 257 18.14 -3.46 -6.91
N GLN A 258 17.96 -2.15 -6.98
CA GLN A 258 17.15 -1.54 -8.02
C GLN A 258 18.01 -1.29 -9.25
N ALA A 259 17.63 -1.89 -10.36
CA ALA A 259 18.21 -1.56 -11.65
C ALA A 259 17.18 -0.69 -12.41
N MET A 260 17.26 -0.65 -13.74
CA MET A 260 16.28 0.13 -14.49
C MET A 260 15.03 -0.72 -14.64
N ILE A 261 14.05 -0.48 -13.75
CA ILE A 261 12.78 -1.20 -13.66
C ILE A 261 13.02 -2.61 -13.13
N TRP A 262 14.02 -3.31 -13.67
CA TRP A 262 14.40 -4.60 -13.11
C TRP A 262 14.72 -4.49 -11.62
N GLU A 263 14.30 -5.47 -10.85
CA GLU A 263 14.62 -5.54 -9.43
C GLU A 263 15.33 -6.86 -9.17
N ALA A 264 16.55 -6.78 -8.62
CA ALA A 264 17.49 -7.91 -8.58
C ALA A 264 17.76 -8.31 -7.14
N TYR A 265 17.49 -9.58 -6.84
CA TYR A 265 17.73 -10.23 -5.56
C TYR A 265 18.90 -11.20 -5.69
N PRO A 266 19.58 -11.53 -4.58
CA PRO A 266 20.58 -12.60 -4.63
C PRO A 266 19.95 -13.90 -5.09
N TRP A 267 20.78 -14.76 -5.68
CA TRP A 267 20.36 -16.12 -6.00
C TRP A 267 21.33 -17.10 -5.33
N PRO A 268 20.84 -18.07 -4.55
CA PRO A 268 19.45 -18.32 -4.15
C PRO A 268 18.89 -17.26 -3.20
N VAL A 269 17.56 -17.21 -3.06
CA VAL A 269 16.87 -16.26 -2.18
C VAL A 269 15.95 -17.01 -1.23
N ASP A 270 15.73 -16.42 -0.08
CA ASP A 270 14.56 -16.76 0.72
C ASP A 270 13.33 -16.24 -0.02
N PRO A 271 12.39 -17.10 -0.42
CA PRO A 271 11.20 -16.61 -1.13
C PRO A 271 10.42 -15.56 -0.34
N GLU A 272 10.47 -15.61 0.99
CA GLU A 272 9.79 -14.59 1.79
C GLU A 272 10.35 -13.20 1.51
N ARG A 273 11.64 -13.10 1.18
CA ARG A 273 12.21 -11.81 0.80
C ARG A 273 11.71 -11.36 -0.56
N LEU A 274 11.49 -12.32 -1.47
CA LEU A 274 10.87 -11.99 -2.75
C LEU A 274 9.44 -11.51 -2.56
N VAL A 275 8.72 -12.13 -1.62
CA VAL A 275 7.33 -11.74 -1.37
C VAL A 275 7.27 -10.33 -0.79
N GLU A 276 8.03 -10.07 0.28
CA GLU A 276 7.99 -8.74 0.89
C GLU A 276 8.44 -7.66 -0.08
N GLY A 277 9.49 -7.93 -0.85
CA GLY A 277 9.97 -6.95 -1.81
C GLY A 277 8.92 -6.59 -2.85
N ASN A 278 7.98 -7.49 -3.12
CA ASN A 278 6.87 -7.23 -4.03
C ASN A 278 5.57 -6.95 -3.30
N GLY A 279 5.62 -6.68 -1.99
CA GLY A 279 4.42 -6.38 -1.23
C GLY A 279 4.09 -4.89 -1.20
N TYR A 280 2.81 -4.61 -0.92
CA TYR A 280 2.27 -3.26 -1.01
C TYR A 280 2.96 -2.30 -0.04
N ASP A 281 3.25 -2.77 1.19
CA ASP A 281 3.93 -1.91 2.17
C ASP A 281 5.23 -1.37 1.61
N PHE A 282 5.93 -2.16 0.81
CA PHE A 282 7.14 -1.70 0.14
C PHE A 282 6.85 -0.91 -1.13
N ILE A 283 5.83 -1.28 -1.90
CA ILE A 283 5.57 -0.67 -3.20
C ILE A 283 5.05 0.77 -3.06
N LEU A 284 4.19 1.02 -2.09
CA LEU A 284 3.37 2.23 -2.11
C LEU A 284 3.90 3.33 -1.18
N GLN A 285 5.06 3.16 -0.57
CA GLN A 285 5.60 4.21 0.27
C GLN A 285 7.08 4.40 -0.03
N PRO A 286 7.59 5.61 0.18
CA PRO A 286 9.02 5.86 -0.07
C PRO A 286 9.89 4.98 0.80
N GLN A 287 10.96 4.46 0.20
CA GLN A 287 11.92 3.60 0.87
C GLN A 287 13.32 4.19 0.75
N PRO A 288 14.12 4.13 1.82
CA PRO A 288 15.50 4.62 1.73
C PRO A 288 16.33 3.69 0.87
N VAL A 289 17.29 4.28 0.15
CA VAL A 289 18.18 3.52 -0.71
C VAL A 289 19.63 3.93 -0.44
N ASP A 290 20.54 3.01 -0.68
CA ASP A 290 21.97 3.28 -0.70
C ASP A 290 22.45 3.16 -2.14
N GLU A 291 23.25 4.13 -2.57
CA GLU A 291 23.82 4.07 -3.92
C GLU A 291 24.91 3.00 -3.97
N VAL A 292 25.03 2.36 -5.13
CA VAL A 292 26.00 1.29 -5.34
C VAL A 292 26.08 1.05 -6.83
N ASP A 293 27.19 0.45 -7.29
CA ASP A 293 27.42 0.21 -8.71
C ASP A 293 27.07 -1.20 -9.16
N THR A 294 26.69 -2.08 -8.24
CA THR A 294 26.43 -3.47 -8.57
C THR A 294 25.58 -4.09 -7.45
N THR A 295 25.11 -5.31 -7.70
CA THR A 295 24.44 -6.10 -6.69
C THR A 295 25.46 -6.67 -5.69
N PRO A 296 25.03 -6.96 -4.45
CA PRO A 296 26.00 -7.52 -3.48
C PRO A 296 26.59 -8.85 -3.91
N ASP A 297 25.76 -9.75 -4.43
CA ASP A 297 26.20 -11.04 -4.97
C ASP A 297 26.31 -10.96 -6.48
N ARG A 298 27.20 -11.77 -7.05
CA ARG A 298 27.33 -11.83 -8.49
C ARG A 298 26.32 -12.76 -9.14
N ARG A 299 25.67 -13.62 -8.36
CA ARG A 299 24.56 -14.44 -8.86
C ARG A 299 23.25 -13.85 -8.33
N VAL A 300 22.36 -13.49 -9.25
CA VAL A 300 21.14 -12.78 -8.90
C VAL A 300 19.94 -13.39 -9.60
N ILE A 301 18.77 -13.06 -9.09
CA ILE A 301 17.50 -13.26 -9.79
C ILE A 301 16.85 -11.88 -9.94
N LEU A 302 16.42 -11.58 -11.17
CA LEU A 302 15.75 -10.33 -11.50
C LEU A 302 14.30 -10.63 -11.83
N ASN A 303 13.38 -9.80 -11.31
CA ASN A 303 11.96 -10.09 -11.51
C ASN A 303 11.22 -8.78 -11.79
N LYS A 304 9.97 -8.93 -12.23
CA LYS A 304 9.09 -7.77 -12.45
C LYS A 304 7.65 -8.25 -12.51
N THR A 305 6.81 -7.72 -11.63
CA THR A 305 5.37 -7.89 -11.66
C THR A 305 4.74 -6.90 -12.63
N GLY A 306 3.56 -7.26 -13.13
CA GLY A 306 2.81 -6.39 -14.02
C GLY A 306 1.35 -6.76 -14.06
N SER A 307 0.50 -5.75 -13.86
CA SER A 307 -0.94 -5.92 -13.70
C SER A 307 -1.67 -4.81 -14.43
N THR A 308 -2.88 -5.13 -14.88
CA THR A 308 -3.90 -4.13 -15.15
C THR A 308 -5.12 -4.56 -14.34
N ASN A 309 -6.23 -3.88 -14.56
CA ASN A 309 -7.46 -4.23 -13.87
C ASN A 309 -7.85 -5.68 -14.12
N GLY A 310 -7.62 -6.19 -15.31
CA GLY A 310 -8.02 -7.55 -15.61
C GLY A 310 -6.93 -8.58 -15.76
N PHE A 311 -5.67 -8.19 -15.54
CA PHE A 311 -4.55 -9.06 -15.88
C PHE A 311 -3.51 -9.07 -14.76
N GLY A 312 -2.86 -10.22 -14.59
CA GLY A 312 -1.79 -10.39 -13.63
C GLY A 312 -0.63 -11.11 -14.28
N GLY A 313 0.54 -10.46 -14.31
CA GLY A 313 1.70 -11.01 -14.98
C GLY A 313 2.92 -10.99 -14.07
N TYR A 314 3.95 -11.75 -14.50
CA TYR A 314 5.19 -11.86 -13.74
C TYR A 314 6.26 -12.50 -14.60
N ILE A 315 7.45 -11.90 -14.59
CA ILE A 315 8.61 -12.47 -15.25
C ILE A 315 9.76 -12.52 -14.26
N ALA A 316 10.59 -13.55 -14.38
CA ALA A 316 11.80 -13.70 -13.59
C ALA A 316 12.88 -14.35 -14.45
N ILE A 317 14.12 -13.92 -14.26
CA ILE A 317 15.27 -14.53 -14.94
C ILE A 317 16.37 -14.79 -13.94
N VAL A 318 17.03 -15.94 -14.09
CA VAL A 318 18.21 -16.32 -13.32
C VAL A 318 19.35 -16.51 -14.30
N PRO A 319 20.16 -15.48 -14.58
CA PRO A 319 21.17 -15.59 -15.65
C PRO A 319 22.21 -16.69 -15.42
N SER A 320 22.65 -16.92 -14.19
CA SER A 320 23.61 -18.00 -13.97
C SER A 320 23.01 -19.38 -14.26
N GLU A 321 21.70 -19.48 -14.47
CA GLU A 321 21.09 -20.76 -14.82
C GLU A 321 20.50 -20.75 -16.23
N ASP A 322 20.71 -19.66 -16.98
CA ASP A 322 20.10 -19.49 -18.31
C ASP A 322 18.61 -19.83 -18.28
N LEU A 323 17.95 -19.39 -17.22
CA LEU A 323 16.57 -19.73 -16.93
C LEU A 323 15.72 -18.47 -16.96
N GLY A 324 14.59 -18.54 -17.66
CA GLY A 324 13.63 -17.46 -17.70
C GLY A 324 12.21 -18.01 -17.64
N VAL A 325 11.34 -17.36 -16.87
CA VAL A 325 9.95 -17.76 -16.72
C VAL A 325 9.07 -16.52 -16.92
N VAL A 326 8.01 -16.67 -17.72
CA VAL A 326 6.96 -15.66 -17.85
C VAL A 326 5.63 -16.32 -17.49
N VAL A 327 4.83 -15.62 -16.67
CA VAL A 327 3.51 -16.10 -16.27
C VAL A 327 2.49 -15.00 -16.55
N LEU A 328 1.53 -15.29 -17.42
CA LEU A 328 0.53 -14.33 -17.85
C LEU A 328 -0.86 -14.90 -17.57
N ALA A 329 -1.70 -14.11 -16.91
CA ALA A 329 -3.04 -14.55 -16.52
C ALA A 329 -4.02 -13.43 -16.81
N ASN A 330 -5.22 -13.79 -17.25
CA ASN A 330 -6.26 -12.77 -17.40
C ASN A 330 -7.14 -12.68 -16.16
N ARG A 331 -6.49 -12.72 -15.01
CA ARG A 331 -7.06 -12.27 -13.75
C ARG A 331 -5.95 -11.59 -12.97
N ASN A 332 -6.24 -10.41 -12.44
CA ASN A 332 -5.30 -9.77 -11.51
C ASN A 332 -5.34 -10.55 -10.19
N TYR A 333 -4.26 -11.24 -9.85
CA TYR A 333 -4.20 -11.98 -8.60
C TYR A 333 -2.93 -11.58 -7.85
N PRO A 334 -2.87 -11.86 -6.54
CA PRO A 334 -1.87 -11.20 -5.69
C PRO A 334 -0.42 -11.46 -6.10
N ASN A 335 0.41 -10.43 -5.90
CA ASN A 335 1.84 -10.54 -6.17
C ASN A 335 2.47 -11.70 -5.40
N GLU A 336 2.07 -11.88 -4.15
CA GLU A 336 2.64 -12.96 -3.34
C GLU A 336 2.36 -14.31 -3.99
N ALA A 337 1.17 -14.49 -4.55
CA ALA A 337 0.83 -15.74 -5.24
C ALA A 337 1.68 -15.94 -6.49
N ARG A 338 1.93 -14.87 -7.27
CA ARG A 338 2.76 -15.03 -8.46
C ARG A 338 4.18 -15.44 -8.10
N VAL A 339 4.73 -14.81 -7.06
CA VAL A 339 6.10 -15.06 -6.63
C VAL A 339 6.26 -16.50 -6.14
N ARG A 340 5.42 -16.92 -5.20
CA ARG A 340 5.58 -18.25 -4.61
C ARG A 340 5.41 -19.35 -5.65
N ALA A 341 4.39 -19.24 -6.50
CA ALA A 341 4.20 -20.26 -7.53
C ALA A 341 5.35 -20.27 -8.53
N THR A 342 5.84 -19.09 -8.93
CA THR A 342 6.96 -19.06 -9.86
C THR A 342 8.25 -19.55 -9.19
N TYR A 343 8.46 -19.17 -7.93
CA TYR A 343 9.63 -19.67 -7.21
C TYR A 343 9.56 -21.19 -7.05
N ASP A 344 8.36 -21.72 -6.78
CA ASP A 344 8.19 -23.17 -6.72
C ASP A 344 8.53 -23.83 -8.05
N LEU A 345 8.06 -23.25 -9.15
CA LEU A 345 8.37 -23.82 -10.46
C LEU A 345 9.87 -23.81 -10.74
N ILE A 346 10.54 -22.72 -10.37
CA ILE A 346 11.98 -22.60 -10.62
C ILE A 346 12.77 -23.66 -9.85
N THR A 347 12.45 -23.85 -8.57
CA THR A 347 13.13 -24.87 -7.78
C THR A 347 12.98 -26.25 -8.40
N HIS A 348 11.78 -26.56 -8.90
CA HIS A 348 11.58 -27.87 -9.55
C HIS A 348 12.42 -28.00 -10.81
N ILE A 349 12.52 -26.92 -11.60
CA ILE A 349 13.29 -27.00 -12.83
C ILE A 349 14.77 -27.26 -12.54
N LEU A 350 15.30 -26.64 -11.48
CA LEU A 350 16.72 -26.72 -11.17
C LEU A 350 17.06 -27.89 -10.26
N ALA A 351 16.08 -28.66 -9.82
CA ALA A 351 16.29 -29.80 -8.94
C ALA A 351 16.90 -30.99 -9.68
N SER B 1 -22.57 -17.73 23.54
CA SER B 1 -21.45 -17.71 24.48
C SER B 1 -20.19 -18.28 23.83
N ASN B 2 -20.37 -19.09 22.79
CA ASN B 2 -19.27 -19.66 22.02
C ASN B 2 -19.10 -19.00 20.66
N ALA B 3 -19.81 -17.89 20.39
CA ALA B 3 -19.79 -17.31 19.06
C ALA B 3 -18.42 -16.72 18.71
N ALA B 4 -17.80 -16.02 19.65
CA ALA B 4 -16.49 -15.42 19.39
C ALA B 4 -15.43 -16.49 19.13
N ALA B 5 -15.50 -17.62 19.85
CA ALA B 5 -14.48 -18.65 19.67
C ALA B 5 -14.57 -19.29 18.29
N ALA B 6 -15.80 -19.57 17.83
CA ALA B 6 -15.97 -20.11 16.49
C ALA B 6 -15.55 -19.12 15.42
N ALA B 7 -15.86 -17.83 15.62
CA ALA B 7 -15.57 -16.81 14.60
C ALA B 7 -14.08 -16.62 14.38
N PHE B 8 -13.27 -16.71 15.43
CA PHE B 8 -11.85 -16.39 15.33
C PHE B 8 -10.93 -17.59 15.33
N GLU B 9 -11.49 -18.82 15.38
CA GLU B 9 -10.67 -20.03 15.44
C GLU B 9 -9.74 -20.15 14.24
N SER B 10 -10.20 -19.73 13.05
CA SER B 10 -9.40 -19.91 11.83
C SER B 10 -8.23 -18.94 11.79
N VAL B 11 -8.48 -17.64 12.04
CA VAL B 11 -7.37 -16.67 11.96
C VAL B 11 -6.32 -16.98 13.01
N ILE B 12 -6.72 -17.42 14.20
CA ILE B 12 -5.76 -17.82 15.23
C ILE B 12 -4.84 -18.91 14.70
N GLU B 13 -5.42 -19.91 14.04
CA GLU B 13 -4.63 -21.01 13.51
C GLU B 13 -3.80 -20.56 12.30
N GLU B 14 -4.41 -19.80 11.39
CA GLU B 14 -3.74 -19.40 10.15
C GLU B 14 -2.55 -18.49 10.39
N HIS B 15 -2.60 -17.65 11.42
CA HIS B 15 -1.53 -16.69 11.67
C HIS B 15 -0.78 -16.96 12.97
N ASP B 16 -1.04 -18.09 13.61
CA ASP B 16 -0.35 -18.47 14.85
C ASP B 16 -0.38 -17.31 15.84
N ILE B 17 -1.60 -16.95 16.25
CA ILE B 17 -1.83 -15.84 17.15
C ILE B 17 -1.61 -16.33 18.59
N PRO B 18 -0.59 -15.84 19.29
CA PRO B 18 -0.32 -16.40 20.63
C PRO B 18 -1.43 -16.14 21.63
N GLY B 19 -2.04 -14.97 21.59
CA GLY B 19 -3.09 -14.63 22.53
C GLY B 19 -4.05 -13.67 21.88
N LEU B 20 -5.33 -13.78 22.27
CA LEU B 20 -6.38 -12.97 21.66
C LEU B 20 -7.52 -12.83 22.66
N VAL B 21 -8.13 -11.65 22.69
CA VAL B 21 -9.31 -11.42 23.51
C VAL B 21 -10.34 -10.70 22.66
N VAL B 22 -11.61 -11.05 22.85
CA VAL B 22 -12.74 -10.41 22.21
C VAL B 22 -13.67 -9.88 23.31
N GLY B 23 -13.83 -8.56 23.34
CA GLY B 23 -14.83 -7.94 24.19
C GLY B 23 -16.05 -7.59 23.36
N VAL B 24 -17.23 -7.90 23.90
CA VAL B 24 -18.49 -7.59 23.27
C VAL B 24 -19.33 -6.79 24.27
N THR B 25 -19.88 -5.66 23.82
CA THR B 25 -20.89 -4.96 24.60
C THR B 25 -22.16 -4.85 23.77
N HIS B 26 -23.27 -5.27 24.35
CA HIS B 26 -24.54 -5.37 23.64
C HIS B 26 -25.65 -5.15 24.67
N GLY B 27 -26.47 -4.13 24.46
CA GLY B 27 -27.46 -3.78 25.46
C GLY B 27 -26.88 -3.43 26.81
N GLY B 28 -25.62 -2.97 26.85
CA GLY B 28 -24.94 -2.70 28.09
C GLY B 28 -24.20 -3.90 28.68
N ARG B 29 -24.56 -5.12 28.29
CA ARG B 29 -23.97 -6.31 28.85
C ARG B 29 -22.58 -6.56 28.25
N HIS B 30 -21.60 -6.81 29.11
CA HIS B 30 -20.24 -7.07 28.66
C HIS B 30 -19.95 -8.56 28.70
N SER B 31 -19.37 -9.09 27.61
CA SER B 31 -18.87 -10.46 27.59
C SER B 31 -17.47 -10.48 26.99
N PHE B 32 -16.70 -11.48 27.38
CA PHE B 32 -15.33 -11.62 26.93
C PHE B 32 -15.06 -13.05 26.50
N TYR B 33 -14.34 -13.19 25.39
CA TYR B 33 -13.70 -14.42 24.98
C TYR B 33 -12.19 -14.19 25.00
N GLN B 34 -11.47 -15.07 25.70
CA GLN B 34 -10.03 -14.92 25.89
C GLN B 34 -9.37 -16.27 25.64
N THR B 35 -8.30 -16.29 24.85
CA THR B 35 -7.60 -17.53 24.59
C THR B 35 -6.11 -17.25 24.44
N GLY B 36 -5.29 -18.18 24.89
CA GLY B 36 -3.86 -18.08 24.64
C GLY B 36 -3.11 -17.26 25.67
N LEU B 37 -1.89 -16.88 25.28
CA LEU B 37 -0.90 -16.34 26.21
C LEU B 37 -0.56 -14.90 25.85
N ALA B 38 -0.41 -14.06 26.89
CA ALA B 38 0.13 -12.72 26.72
C ALA B 38 1.65 -12.74 26.54
N SER B 39 2.32 -13.69 27.20
CA SER B 39 3.73 -13.99 26.97
C SER B 39 3.95 -15.49 26.98
N ARG B 40 4.69 -15.99 25.98
CA ARG B 40 4.95 -17.42 25.86
C ARG B 40 5.91 -17.94 26.92
N GLU B 41 6.96 -17.16 27.24
CA GLU B 41 8.04 -17.66 28.08
C GLU B 41 7.59 -17.95 29.51
N ASP B 42 6.73 -17.09 30.07
CA ASP B 42 6.24 -17.30 31.43
C ASP B 42 4.79 -17.78 31.48
N GLN B 43 4.19 -18.08 30.32
CA GLN B 43 2.89 -18.75 30.26
C GLN B 43 1.78 -17.91 30.91
N GLN B 44 1.94 -16.59 30.92
CA GLN B 44 0.91 -15.72 31.45
C GLN B 44 -0.27 -15.68 30.48
N PRO B 45 -1.47 -16.06 30.89
CA PRO B 45 -2.61 -16.07 29.95
C PRO B 45 -3.16 -14.68 29.71
N VAL B 46 -3.77 -14.54 28.53
CA VAL B 46 -4.55 -13.36 28.19
C VAL B 46 -5.84 -13.33 29.00
N THR B 47 -6.13 -12.19 29.62
CA THR B 47 -7.38 -12.06 30.35
C THR B 47 -8.07 -10.80 29.85
N PRO B 48 -9.26 -10.43 30.32
CA PRO B 48 -9.83 -9.13 29.93
C PRO B 48 -9.00 -7.94 30.41
N ASP B 49 -8.01 -8.16 31.28
CA ASP B 49 -7.18 -7.10 31.85
C ASP B 49 -5.77 -7.06 31.26
N THR B 50 -5.42 -8.00 30.41
CA THR B 50 -4.17 -7.90 29.66
C THR B 50 -4.15 -6.59 28.88
N LEU B 51 -2.99 -5.91 28.92
CA LEU B 51 -2.78 -4.71 28.11
C LEU B 51 -2.23 -5.08 26.74
N PHE B 52 -2.78 -4.47 25.70
CA PHE B 52 -2.30 -4.62 24.33
C PHE B 52 -1.94 -3.25 23.77
N GLU B 53 -1.01 -3.22 22.82
CA GLU B 53 -0.71 -2.01 22.07
C GLU B 53 -1.81 -1.75 21.05
N LEU B 54 -2.38 -0.54 21.11
CA LEU B 54 -3.53 -0.21 20.27
C LEU B 54 -3.14 0.25 18.85
N GLY B 55 -1.90 0.70 18.64
CA GLY B 55 -1.57 1.21 17.32
C GLY B 55 -2.44 2.40 16.96
N SER B 56 -2.94 2.41 15.72
CA SER B 56 -3.76 3.55 15.25
C SER B 56 -5.10 3.68 15.97
N ILE B 57 -5.53 2.67 16.71
CA ILE B 57 -6.74 2.85 17.51
C ILE B 57 -6.51 3.92 18.58
N SER B 58 -5.23 4.19 18.94
CA SER B 58 -4.88 5.31 19.81
C SER B 58 -5.44 6.62 19.31
N LYS B 59 -5.58 6.76 17.98
CA LYS B 59 -5.99 8.01 17.37
C LYS B 59 -7.43 8.38 17.74
N ILE B 60 -8.24 7.40 18.13
CA ILE B 60 -9.56 7.68 18.69
C ILE B 60 -9.45 8.57 19.93
N PHE B 61 -8.54 8.25 20.83
CA PHE B 61 -8.38 9.08 22.03
C PHE B 61 -7.88 10.48 21.66
N ASN B 62 -6.96 10.55 20.70
CA ASN B 62 -6.46 11.83 20.18
C ASN B 62 -7.62 12.74 19.76
N VAL B 63 -8.51 12.25 18.88
CA VAL B 63 -9.58 13.13 18.41
C VAL B 63 -10.61 13.39 19.50
N THR B 64 -10.89 12.42 20.38
CA THR B 64 -11.81 12.71 21.47
C THR B 64 -11.27 13.81 22.36
N LEU B 65 -9.95 13.81 22.59
CA LEU B 65 -9.33 14.87 23.38
C LEU B 65 -9.48 16.23 22.70
N ALA B 66 -9.23 16.27 21.38
CA ALA B 66 -9.40 17.52 20.62
C ALA B 66 -10.85 17.98 20.65
N ALA B 67 -11.80 17.06 20.52
CA ALA B 67 -13.21 17.44 20.63
C ALA B 67 -13.54 17.91 22.04
N LEU B 68 -13.04 17.22 23.05
CA LEU B 68 -13.22 17.64 24.43
C LEU B 68 -12.67 19.04 24.65
N ALA B 69 -11.54 19.35 24.02
CA ALA B 69 -10.95 20.66 24.21
C ALA B 69 -11.78 21.73 23.51
N GLU B 70 -12.41 21.38 22.38
CA GLU B 70 -13.34 22.33 21.77
C GLU B 70 -14.54 22.58 22.67
N GLU B 71 -15.09 21.53 23.28
CA GLU B 71 -16.21 21.70 24.21
C GLU B 71 -15.85 22.64 25.35
N ARG B 72 -14.59 22.64 25.79
CA ARG B 72 -14.15 23.54 26.85
C ARG B 72 -13.70 24.90 26.35
N GLY B 73 -13.82 25.17 25.05
CA GLY B 73 -13.46 26.48 24.54
C GLY B 73 -11.98 26.75 24.35
N ALA B 74 -11.13 25.74 24.52
CA ALA B 74 -9.69 25.91 24.40
C ALA B 74 -9.20 25.95 22.96
N LEU B 75 -9.99 25.47 22.00
CA LEU B 75 -9.61 25.51 20.60
C LEU B 75 -10.86 25.40 19.76
N SER B 76 -10.70 25.60 18.46
CA SER B 76 -11.79 25.42 17.51
C SER B 76 -11.34 24.47 16.42
N LEU B 77 -12.14 23.43 16.17
CA LEU B 77 -11.74 22.42 15.21
C LEU B 77 -11.73 22.95 13.79
N ASP B 78 -12.48 24.01 13.51
CA ASP B 78 -12.45 24.64 12.19
C ASP B 78 -11.35 25.67 12.06
N ALA B 79 -10.53 25.86 13.10
CA ALA B 79 -9.45 26.83 13.06
C ALA B 79 -8.28 26.31 12.21
N PRO B 80 -7.55 27.20 11.55
CA PRO B 80 -6.38 26.74 10.78
C PRO B 80 -5.23 26.36 11.70
N VAL B 81 -4.44 25.39 11.25
CA VAL B 81 -3.27 24.93 11.99
C VAL B 81 -2.37 26.11 12.37
N ALA B 82 -2.26 27.09 11.46
CA ALA B 82 -1.40 28.25 11.69
C ALA B 82 -1.85 29.07 12.89
N ASP B 83 -3.11 28.93 13.35
CA ASP B 83 -3.51 29.63 14.56
C ASP B 83 -2.71 29.14 15.76
N TYR B 84 -2.31 27.86 15.74
CA TYR B 84 -1.64 27.24 16.87
C TYR B 84 -0.15 26.98 16.63
N LEU B 85 0.29 26.91 15.37
CA LEU B 85 1.71 26.80 15.03
C LEU B 85 2.06 27.96 14.11
N PRO B 86 2.36 29.12 14.68
CA PRO B 86 2.39 30.35 13.87
C PRO B 86 3.46 30.38 12.79
N SER B 87 4.55 29.58 12.92
CA SER B 87 5.55 29.53 11.84
C SER B 87 5.02 28.88 10.58
N LEU B 88 3.86 28.22 10.64
CA LEU B 88 3.27 27.61 9.46
C LEU B 88 2.27 28.53 8.76
N ARG B 89 2.14 29.79 9.20
CA ARG B 89 1.19 30.70 8.58
C ARG B 89 1.59 31.01 7.14
N GLY B 90 0.60 31.01 6.24
CA GLY B 90 0.88 31.20 4.83
C GLY B 90 1.42 29.99 4.09
N SER B 91 1.55 28.84 4.75
CA SER B 91 1.99 27.62 4.09
C SER B 91 0.82 26.66 3.92
N PRO B 92 0.89 25.77 2.93
CA PRO B 92 -0.19 24.77 2.79
C PRO B 92 -0.50 24.03 4.08
N ALA B 93 0.53 23.68 4.85
CA ALA B 93 0.31 22.99 6.12
C ALA B 93 -0.41 23.87 7.14
N GLY B 94 -0.07 25.16 7.16
CA GLY B 94 -0.71 26.08 8.09
C GLY B 94 -2.15 26.40 7.77
N GLU B 95 -2.55 26.24 6.51
CA GLU B 95 -3.92 26.50 6.06
C GLU B 95 -4.82 25.27 6.16
N LEU B 96 -4.28 24.09 6.45
CA LEU B 96 -5.12 22.98 6.90
C LEU B 96 -5.85 23.36 8.19
N THR B 97 -7.05 22.80 8.36
CA THR B 97 -7.78 22.94 9.62
C THR B 97 -7.50 21.74 10.55
N LEU B 98 -7.89 21.89 11.82
CA LEU B 98 -7.80 20.76 12.74
C LEU B 98 -8.70 19.62 12.27
N ILE B 99 -9.90 19.94 11.79
CA ILE B 99 -10.75 18.96 11.13
C ILE B 99 -10.01 18.24 10.01
N ASP B 100 -9.24 18.98 9.20
CA ASP B 100 -8.44 18.35 8.15
C ASP B 100 -7.46 17.33 8.73
N LEU B 101 -6.83 17.66 9.87
CA LEU B 101 -5.90 16.72 10.49
C LEU B 101 -6.62 15.48 10.99
N ALA B 102 -7.78 15.65 11.64
CA ALA B 102 -8.50 14.53 12.22
C ALA B 102 -9.13 13.62 11.18
N THR B 103 -9.23 14.06 9.92
CA THR B 103 -9.89 13.33 8.84
C THR B 103 -8.94 12.96 7.71
N HIS B 104 -7.64 13.23 7.85
CA HIS B 104 -6.63 12.97 6.82
C HIS B 104 -6.87 13.77 5.53
N HIS B 105 -7.58 14.89 5.63
CA HIS B 105 -7.90 15.70 4.47
C HIS B 105 -6.76 16.69 4.20
N THR B 106 -5.61 16.16 3.76
CA THR B 106 -4.39 16.95 3.66
C THR B 106 -3.81 17.06 2.26
N GLY B 107 -4.20 16.21 1.31
CA GLY B 107 -3.69 16.31 -0.03
C GLY B 107 -2.48 15.45 -0.34
N GLY B 108 -2.01 14.66 0.63
CA GLY B 108 -0.96 13.69 0.38
C GLY B 108 0.24 13.87 1.28
N LEU B 109 0.39 12.98 2.27
CA LEU B 109 1.55 12.91 3.14
C LEU B 109 2.06 11.49 3.20
N PRO B 110 3.36 11.30 3.45
CA PRO B 110 3.86 9.95 3.75
C PRO B 110 3.17 9.41 4.99
N LEU B 111 3.06 8.09 5.08
CA LEU B 111 2.39 7.46 6.21
C LEU B 111 3.15 7.73 7.51
N GLN B 112 4.48 7.60 7.47
CA GLN B 112 5.33 7.72 8.65
C GLN B 112 6.06 9.06 8.63
N VAL B 113 6.35 9.56 9.83
CA VAL B 113 7.26 10.69 9.97
C VAL B 113 8.55 10.33 9.22
N PRO B 114 9.13 11.24 8.44
CA PRO B 114 10.36 10.90 7.70
C PRO B 114 11.50 10.52 8.65
N ASP B 115 12.27 9.49 8.25
CA ASP B 115 13.46 9.12 9.03
C ASP B 115 14.34 10.31 9.33
N GLU B 116 14.44 11.26 8.38
CA GLU B 116 15.31 12.41 8.52
C GLU B 116 14.90 13.30 9.70
N VAL B 117 13.59 13.38 9.98
CA VAL B 117 13.10 14.31 11.00
C VAL B 117 13.37 13.74 12.40
N ALA B 118 13.98 14.55 13.27
CA ALA B 118 14.41 14.04 14.57
C ALA B 118 13.46 14.35 15.72
N ASP B 119 12.57 15.33 15.57
CA ASP B 119 11.69 15.75 16.64
C ASP B 119 10.56 16.58 16.06
N VAL B 120 9.63 16.97 16.92
CA VAL B 120 8.42 17.66 16.47
C VAL B 120 8.76 19.02 15.88
N ASP B 121 9.73 19.72 16.48
CA ASP B 121 10.15 21.03 15.96
C ASP B 121 10.69 20.90 14.54
N ARG B 122 11.58 19.92 14.31
CA ARG B 122 12.03 19.64 12.94
C ARG B 122 10.87 19.19 12.05
N LEU B 123 9.86 18.54 12.62
CA LEU B 123 8.75 18.12 11.76
C LEU B 123 7.94 19.32 11.34
N VAL B 124 7.76 20.30 12.23
CA VAL B 124 7.11 21.55 11.85
C VAL B 124 7.89 22.27 10.75
N ASP B 125 9.22 22.32 10.87
CA ASP B 125 10.01 22.93 9.80
C ASP B 125 9.78 22.22 8.49
N TRP B 126 9.85 20.89 8.51
CA TRP B 126 9.61 20.08 7.32
C TRP B 126 8.24 20.37 6.74
N LEU B 127 7.22 20.45 7.60
CA LEU B 127 5.88 20.78 7.16
C LEU B 127 5.82 22.14 6.46
N ARG B 128 6.64 23.10 6.89
CA ARG B 128 6.56 24.44 6.31
C ARG B 128 6.84 24.44 4.81
N SER B 129 7.77 23.59 4.34
CA SER B 129 8.04 23.56 2.91
C SER B 129 7.42 22.36 2.20
N TRP B 130 6.63 21.56 2.90
CA TRP B 130 5.84 20.50 2.26
C TRP B 130 4.79 21.06 1.33
N ARG B 131 4.56 20.36 0.21
CA ARG B 131 3.47 20.70 -0.72
C ARG B 131 2.63 19.47 -1.04
N PRO B 132 1.34 19.47 -0.73
CA PRO B 132 0.48 18.31 -1.09
C PRO B 132 0.50 18.02 -2.57
N PRO B 133 0.85 16.79 -2.98
CA PRO B 133 0.85 16.49 -4.41
C PRO B 133 -0.53 16.54 -5.03
N GLU B 134 -1.58 16.32 -4.23
CA GLU B 134 -2.94 16.17 -4.75
C GLU B 134 -3.88 16.84 -3.77
N PRO B 135 -3.91 18.17 -3.77
CA PRO B 135 -4.69 18.92 -2.76
C PRO B 135 -6.14 18.48 -2.72
N GLY B 136 -6.69 18.39 -1.50
CA GLY B 136 -8.07 18.02 -1.31
C GLY B 136 -8.35 16.53 -1.20
N THR B 137 -7.33 15.67 -1.36
CA THR B 137 -7.52 14.23 -1.21
C THR B 137 -7.31 13.82 0.24
N ARG B 138 -7.90 12.68 0.59
CA ARG B 138 -7.65 12.04 1.86
C ARG B 138 -6.36 11.21 1.76
N SER B 139 -5.49 11.34 2.77
CA SER B 139 -4.18 10.68 2.77
C SER B 139 -3.87 10.24 4.19
N TYR B 140 -3.93 8.94 4.43
CA TYR B 140 -3.78 8.40 5.77
C TYR B 140 -2.34 8.54 6.26
N SER B 141 -2.16 9.19 7.40
CA SER B 141 -0.80 9.50 7.83
C SER B 141 -0.73 9.66 9.35
N ASN B 142 0.39 9.22 9.93
CA ASN B 142 0.72 9.56 11.30
C ASN B 142 1.12 11.02 11.47
N ILE B 143 1.57 11.67 10.40
CA ILE B 143 2.08 13.03 10.53
C ILE B 143 0.96 13.98 10.93
N SER B 144 -0.16 13.96 10.20
CA SER B 144 -1.24 14.92 10.40
C SER B 144 -2.00 14.67 11.71
N ILE B 145 -2.28 13.39 12.03
CA ILE B 145 -3.03 13.09 13.25
C ILE B 145 -2.15 13.31 14.47
N GLY B 146 -0.86 13.00 14.34
CA GLY B 146 0.07 13.29 15.42
C GLY B 146 0.19 14.78 15.69
N LEU B 147 0.26 15.58 14.64
CA LEU B 147 0.34 17.03 14.83
C LEU B 147 -0.90 17.56 15.54
N LEU B 148 -2.08 16.97 15.30
CA LEU B 148 -3.29 17.40 16.00
C LEU B 148 -3.14 17.17 17.50
N GLY B 149 -2.63 16.00 17.90
CA GLY B 149 -2.42 15.74 19.32
C GLY B 149 -1.42 16.70 19.94
N HIS B 150 -0.38 17.05 19.19
CA HIS B 150 0.58 18.04 19.66
C HIS B 150 -0.07 19.40 19.84
N ILE B 151 -0.98 19.77 18.93
CA ILE B 151 -1.66 21.05 19.02
C ILE B 151 -2.62 21.08 20.21
N THR B 152 -3.38 19.98 20.41
CA THR B 152 -4.31 19.91 21.54
C THR B 152 -3.58 19.94 22.88
N ALA B 153 -2.53 19.14 23.03
CA ALA B 153 -1.74 19.21 24.26
C ALA B 153 -1.17 20.60 24.47
N GLY B 154 -0.92 21.33 23.38
CA GLY B 154 -0.39 22.68 23.51
C GLY B 154 -1.39 23.65 24.09
N VAL B 155 -2.63 23.66 23.58
CA VAL B 155 -3.63 24.57 24.13
C VAL B 155 -4.05 24.19 25.55
N LEU B 156 -3.77 22.97 25.99
CA LEU B 156 -4.07 22.58 27.37
C LEU B 156 -2.90 22.78 28.32
N GLY B 157 -1.73 23.15 27.82
CA GLY B 157 -0.60 23.52 28.67
C GLY B 157 0.23 22.38 29.21
N MET B 158 0.05 21.16 28.71
CA MET B 158 0.74 20.00 29.27
C MET B 158 1.18 19.08 28.14
N SER B 159 2.08 18.15 28.47
CA SER B 159 2.51 17.14 27.52
C SER B 159 1.32 16.31 27.04
N TYR B 160 1.45 15.75 25.83
CA TYR B 160 0.36 14.93 25.33
C TYR B 160 0.08 13.76 26.25
N ALA B 161 1.14 13.20 26.87
CA ALA B 161 0.94 12.07 27.78
C ALA B 161 0.14 12.48 29.02
N ASP B 162 0.40 13.69 29.54
CA ASP B 162 -0.37 14.14 30.70
C ASP B 162 -1.79 14.52 30.32
N ALA B 163 -1.97 15.06 29.10
CA ALA B 163 -3.32 15.30 28.60
C ALA B 163 -4.09 13.99 28.50
N SER B 164 -3.44 12.93 28.01
CA SER B 164 -4.12 11.64 27.90
C SER B 164 -4.47 11.10 29.29
N GLN B 165 -3.46 11.01 30.16
CA GLN B 165 -3.60 10.28 31.41
C GLN B 165 -4.30 11.09 32.49
N THR B 166 -4.27 12.43 32.44
CA THR B 166 -4.92 13.23 33.46
C THR B 166 -6.15 14.00 32.97
N VAL B 167 -6.40 14.09 31.65
CA VAL B 167 -7.65 14.69 31.18
C VAL B 167 -8.58 13.66 30.53
N ILE B 168 -8.20 13.07 29.39
CA ILE B 168 -9.20 12.33 28.60
C ILE B 168 -9.46 10.93 29.17
N PHE B 169 -8.42 10.20 29.58
CA PHE B 169 -8.66 8.88 30.17
C PHE B 169 -9.57 8.97 31.42
N PRO B 170 -9.33 9.88 32.37
CA PRO B 170 -10.28 9.99 33.50
C PRO B 170 -11.66 10.44 33.06
N ALA B 171 -11.74 11.33 32.07
CA ALA B 171 -13.06 11.78 31.63
C ALA B 171 -13.88 10.63 31.06
N LEU B 172 -13.22 9.65 30.44
CA LEU B 172 -13.88 8.47 29.90
C LEU B 172 -14.08 7.37 30.93
N GLY B 173 -13.57 7.56 32.15
CA GLY B 173 -13.73 6.55 33.19
C GLY B 173 -12.84 5.34 33.07
N LEU B 174 -11.70 5.46 32.38
CA LEU B 174 -10.81 4.33 32.15
C LEU B 174 -9.78 4.23 33.27
N LYS B 175 -9.52 3.02 33.74
CA LYS B 175 -8.57 2.81 34.83
C LYS B 175 -7.37 1.96 34.42
N SER B 176 -7.31 1.51 33.16
CA SER B 176 -6.27 0.61 32.69
C SER B 176 -5.83 1.01 31.30
N THR B 177 -5.79 2.30 31.02
CA THR B 177 -5.37 2.81 29.73
C THR B 177 -4.25 3.80 29.98
N TRP B 178 -3.14 3.61 29.27
CA TRP B 178 -1.93 4.37 29.52
C TRP B 178 -1.16 4.64 28.24
N ILE B 179 -0.56 5.83 28.20
CA ILE B 179 0.57 6.07 27.31
C ILE B 179 1.84 5.45 27.90
N ASP B 180 2.08 5.70 29.18
CA ASP B 180 3.26 5.21 29.89
C ASP B 180 2.77 4.26 30.97
N VAL B 181 2.92 2.96 30.74
CA VAL B 181 2.39 1.94 31.64
C VAL B 181 3.16 2.01 32.96
N PRO B 182 2.50 2.19 34.10
CA PRO B 182 3.22 2.30 35.37
C PRO B 182 3.70 0.95 35.87
N THR B 183 4.54 1.00 36.92
CA THR B 183 5.22 -0.19 37.41
C THR B 183 4.26 -1.32 37.75
N ASP B 184 3.20 -1.01 38.50
CA ASP B 184 2.25 -2.01 38.97
C ASP B 184 1.48 -2.68 37.84
N ALA B 185 1.37 -2.05 36.67
CA ALA B 185 0.63 -2.63 35.55
C ALA B 185 1.52 -3.35 34.56
N MET B 186 2.84 -3.18 34.67
CA MET B 186 3.76 -3.74 33.68
C MET B 186 3.62 -5.25 33.55
N GLY B 187 3.30 -5.94 34.64
CA GLY B 187 3.12 -7.38 34.56
C GLY B 187 1.94 -7.80 33.70
N ARG B 188 0.97 -6.91 33.49
CA ARG B 188 -0.17 -7.17 32.62
C ARG B 188 0.10 -6.87 31.15
N TYR B 189 1.27 -6.33 30.84
CA TYR B 189 1.56 -5.84 29.50
C TYR B 189 1.98 -7.02 28.64
N ALA B 190 1.12 -7.40 27.69
CA ALA B 190 1.45 -8.52 26.81
C ALA B 190 2.73 -8.24 26.02
N PHE B 191 3.42 -9.31 25.62
CA PHE B 191 4.45 -9.21 24.60
C PHE B 191 3.80 -9.35 23.23
N GLY B 192 4.30 -8.59 22.26
CA GLY B 192 3.94 -8.86 20.89
C GLY B 192 4.87 -9.87 20.28
N TYR B 193 4.47 -10.41 19.13
CA TYR B 193 5.30 -11.42 18.47
C TYR B 193 5.45 -11.07 16.99
N ASP B 194 6.69 -10.82 16.60
CA ASP B 194 7.00 -10.38 15.24
C ASP B 194 6.60 -11.44 14.22
N ARG B 195 5.99 -11.00 13.11
CA ARG B 195 5.49 -11.92 12.10
C ARG B 195 6.61 -12.75 11.49
N LYS B 196 7.79 -12.15 11.29
CA LYS B 196 8.86 -12.83 10.58
C LYS B 196 9.65 -13.75 11.52
N THR B 197 10.15 -13.21 12.63
CA THR B 197 11.10 -13.93 13.48
C THR B 197 10.46 -14.59 14.68
N ASP B 198 9.16 -14.38 14.92
CA ASP B 198 8.46 -14.87 16.09
C ASP B 198 9.08 -14.36 17.40
N ALA B 199 9.92 -13.31 17.32
CA ALA B 199 10.59 -12.74 18.48
C ALA B 199 9.67 -11.80 19.23
N PRO B 200 9.72 -11.80 20.56
CA PRO B 200 8.92 -10.84 21.34
C PRO B 200 9.26 -9.41 20.94
N THR B 201 8.24 -8.58 20.83
CA THR B 201 8.44 -7.20 20.39
C THR B 201 7.53 -6.28 21.19
N ARG B 202 7.97 -5.03 21.30
CA ARG B 202 7.21 -3.97 21.94
C ARG B 202 7.42 -2.71 21.12
N VAL B 203 6.42 -1.82 21.12
CA VAL B 203 6.50 -0.62 20.30
C VAL B 203 7.80 0.14 20.58
N THR B 204 8.44 0.70 19.48
CA THR B 204 9.69 1.43 19.66
C THR B 204 9.44 2.95 19.63
N PRO B 205 10.30 3.74 20.28
CA PRO B 205 10.09 5.19 20.30
C PRO B 205 10.14 5.79 18.90
N GLY B 206 9.35 6.84 18.69
CA GLY B 206 9.38 7.54 17.42
C GLY B 206 8.85 8.93 17.61
N VAL B 207 9.08 9.78 16.60
CA VAL B 207 8.51 11.13 16.62
C VAL B 207 7.00 11.03 16.56
N LEU B 208 6.32 11.72 17.50
CA LEU B 208 4.87 11.77 17.61
C LEU B 208 4.26 10.40 17.95
N ASP B 209 5.04 9.51 18.58
CA ASP B 209 4.50 8.20 18.94
C ASP B 209 3.34 8.32 19.94
N ASP B 210 3.49 9.13 20.99
CA ASP B 210 2.40 9.27 21.95
C ASP B 210 1.13 9.72 21.26
N GLU B 211 1.25 10.72 20.37
CA GLU B 211 0.08 11.35 19.76
C GLU B 211 -0.59 10.44 18.72
N ALA B 212 0.18 9.60 18.04
CA ALA B 212 -0.32 8.83 16.91
C ALA B 212 -0.59 7.36 17.22
N TYR B 213 0.24 6.68 18.02
CA TYR B 213 0.06 5.24 18.19
C TYR B 213 0.54 4.73 19.54
N GLY B 214 0.56 5.58 20.56
CA GLY B 214 1.20 5.22 21.81
C GLY B 214 0.32 4.73 22.96
N VAL B 215 -0.96 4.42 22.73
CA VAL B 215 -1.83 4.03 23.84
C VAL B 215 -1.82 2.51 24.00
N LYS B 216 -1.77 2.07 25.27
CA LYS B 216 -2.00 0.67 25.65
C LYS B 216 -3.28 0.58 26.47
N SER B 217 -4.10 -0.43 26.20
CA SER B 217 -5.33 -0.62 26.96
C SER B 217 -5.70 -2.09 26.97
N SER B 218 -6.76 -2.40 27.69
CA SER B 218 -7.27 -3.74 27.90
C SER B 218 -8.65 -3.88 27.27
N ALA B 219 -9.04 -5.12 26.99
CA ALA B 219 -10.37 -5.37 26.48
C ALA B 219 -11.44 -4.78 27.39
N ARG B 220 -11.28 -4.94 28.72
CA ARG B 220 -12.26 -4.42 29.66
C ARG B 220 -12.40 -2.91 29.55
N ASP B 221 -11.27 -2.19 29.55
CA ASP B 221 -11.33 -0.74 29.39
C ASP B 221 -11.92 -0.35 28.04
N MET B 222 -11.57 -1.07 26.99
CA MET B 222 -12.06 -0.73 25.65
C MET B 222 -13.57 -0.86 25.57
N LEU B 223 -14.19 -1.78 26.32
CA LEU B 223 -15.65 -1.86 26.31
C LEU B 223 -16.27 -0.67 27.02
N THR B 224 -15.62 -0.16 28.07
CA THR B 224 -16.03 1.11 28.66
C THR B 224 -16.01 2.21 27.61
N LEU B 225 -14.98 2.24 26.77
CA LEU B 225 -14.95 3.24 25.71
C LEU B 225 -16.08 3.01 24.72
N LEU B 226 -16.34 1.76 24.35
CA LEU B 226 -17.36 1.50 23.33
C LEU B 226 -18.74 1.86 23.85
N ASP B 227 -19.05 1.56 25.12
CA ASP B 227 -20.30 2.00 25.70
C ASP B 227 -20.50 3.51 25.52
N LEU B 228 -19.46 4.30 25.79
CA LEU B 228 -19.55 5.73 25.56
C LEU B 228 -19.71 6.07 24.09
N GLU B 229 -18.99 5.37 23.20
CA GLU B 229 -19.16 5.62 21.77
C GLU B 229 -20.56 5.28 21.31
N LEU B 230 -21.20 4.29 21.96
CA LEU B 230 -22.59 3.96 21.66
C LEU B 230 -23.57 4.97 22.26
N GLY B 231 -23.11 5.86 23.14
CA GLY B 231 -23.98 6.82 23.77
C GLY B 231 -24.68 6.30 24.99
N THR B 232 -24.25 5.17 25.54
CA THR B 232 -24.93 4.52 26.64
C THR B 232 -24.01 4.32 27.84
N GLY B 233 -23.13 5.30 28.08
CA GLY B 233 -22.21 5.22 29.19
C GLY B 233 -22.27 6.46 30.06
N THR B 234 -21.67 6.33 31.24
CA THR B 234 -21.65 7.42 32.22
C THR B 234 -20.51 8.37 31.90
N ALA B 235 -20.86 9.62 31.58
CA ALA B 235 -19.88 10.66 31.33
C ALA B 235 -20.57 12.02 31.40
N SER B 236 -19.76 13.07 31.49
CA SER B 236 -20.27 14.42 31.56
C SER B 236 -20.87 14.85 30.22
N PRO B 237 -21.72 15.88 30.22
CA PRO B 237 -22.26 16.39 28.95
C PRO B 237 -21.19 16.73 27.91
N GLU B 238 -20.07 17.34 28.34
CA GLU B 238 -19.01 17.70 27.39
C GLU B 238 -18.38 16.45 26.78
N VAL B 239 -18.26 15.36 27.54
CA VAL B 239 -17.70 14.13 26.99
C VAL B 239 -18.69 13.48 26.03
N GLN B 240 -19.97 13.39 26.41
CA GLN B 240 -20.97 12.84 25.51
C GLN B 240 -21.01 13.59 24.19
N THR B 241 -20.83 14.91 24.25
CA THR B 241 -20.82 15.72 23.03
C THR B 241 -19.53 15.50 22.24
N ALA B 242 -18.39 15.44 22.93
CA ALA B 242 -17.13 15.22 22.25
C ALA B 242 -17.14 13.90 21.49
N VAL B 243 -17.59 12.84 22.15
CA VAL B 243 -17.72 11.53 21.51
C VAL B 243 -18.56 11.63 20.24
N ALA B 244 -19.70 12.32 20.30
CA ALA B 244 -20.56 12.46 19.12
C ALA B 244 -19.87 13.28 18.01
N THR B 245 -19.14 14.33 18.41
CA THR B 245 -18.43 15.14 17.42
C THR B 245 -17.48 14.30 16.58
N THR B 246 -16.83 13.31 17.19
CA THR B 246 -15.87 12.50 16.46
C THR B 246 -16.51 11.49 15.52
N GLN B 247 -17.83 11.22 15.64
CA GLN B 247 -18.48 10.29 14.73
C GLN B 247 -19.22 10.98 13.58
N GLU B 248 -19.36 12.30 13.62
CA GLU B 248 -20.06 13.01 12.55
C GLU B 248 -19.34 12.83 11.21
N GLY B 249 -20.11 12.46 10.18
CA GLY B 249 -19.60 12.41 8.82
C GLY B 249 -18.99 13.72 8.37
N ARG B 250 -17.79 13.67 7.81
CA ARG B 250 -17.07 14.87 7.41
C ARG B 250 -16.76 14.89 5.92
N PHE B 251 -16.21 13.79 5.42
CA PHE B 251 -15.89 13.62 4.01
C PHE B 251 -16.39 12.24 3.61
N GLN B 252 -16.81 12.14 2.36
CA GLN B 252 -17.25 10.89 1.77
C GLN B 252 -16.13 10.37 0.87
N THR B 253 -15.59 9.18 1.17
CA THR B 253 -14.73 8.55 0.19
C THR B 253 -15.56 7.64 -0.70
N ARG B 254 -14.89 6.96 -1.63
CA ARG B 254 -15.57 6.04 -2.54
C ARG B 254 -16.20 4.87 -1.79
N LEU B 255 -15.66 4.51 -0.62
CA LEU B 255 -16.13 3.33 0.10
C LEU B 255 -16.81 3.61 1.44
N TYR B 256 -16.60 4.78 2.03
CA TYR B 256 -17.12 5.04 3.37
C TYR B 256 -17.15 6.53 3.62
N THR B 257 -17.75 6.91 4.74
CA THR B 257 -17.74 8.28 5.22
C THR B 257 -16.64 8.42 6.28
N GLN B 258 -15.73 9.36 6.04
CA GLN B 258 -14.68 9.64 6.99
C GLN B 258 -15.21 10.63 8.03
N ALA B 259 -15.13 10.25 9.29
CA ALA B 259 -15.32 11.12 10.43
C ALA B 259 -13.95 11.43 11.03
N MET B 260 -13.92 11.79 12.32
CA MET B 260 -12.64 12.04 12.99
C MET B 260 -12.06 10.69 13.40
N ILE B 261 -11.16 10.17 12.56
CA ILE B 261 -10.48 8.87 12.72
C ILE B 261 -11.46 7.74 12.47
N TRP B 262 -12.65 7.82 13.07
CA TRP B 262 -13.71 6.88 12.75
C TRP B 262 -13.97 6.83 11.25
N GLU B 263 -14.23 5.65 10.73
CA GLU B 263 -14.64 5.45 9.36
C GLU B 263 -15.96 4.70 9.38
N ALA B 264 -16.99 5.29 8.76
CA ALA B 264 -18.38 4.86 8.91
C ALA B 264 -18.92 4.34 7.58
N TYR B 265 -19.42 3.11 7.59
CA TYR B 265 -20.05 2.43 6.45
C TYR B 265 -21.55 2.33 6.69
N PRO B 266 -22.35 2.13 5.63
CA PRO B 266 -23.77 1.83 5.84
C PRO B 266 -23.92 0.56 6.67
N TRP B 267 -25.03 0.46 7.40
CA TRP B 267 -25.41 -0.79 8.03
C TRP B 267 -26.83 -1.11 7.61
N PRO B 268 -27.11 -2.29 7.03
CA PRO B 268 -26.17 -3.38 6.75
C PRO B 268 -25.17 -3.05 5.65
N VAL B 269 -24.05 -3.77 5.60
CA VAL B 269 -22.99 -3.50 4.62
C VAL B 269 -22.52 -4.82 4.04
N ASP B 270 -22.12 -4.77 2.78
CA ASP B 270 -21.40 -5.88 2.18
C ASP B 270 -20.05 -6.01 2.89
N PRO B 271 -19.70 -7.17 3.45
CA PRO B 271 -18.38 -7.29 4.09
C PRO B 271 -17.23 -7.05 3.13
N GLU B 272 -17.40 -7.31 1.83
CA GLU B 272 -16.31 -7.07 0.89
C GLU B 272 -15.98 -5.58 0.80
N ARG B 273 -16.96 -4.72 1.08
CA ARG B 273 -16.72 -3.28 1.10
C ARG B 273 -15.90 -2.87 2.32
N LEU B 274 -16.20 -3.47 3.48
CA LEU B 274 -15.37 -3.28 4.66
C LEU B 274 -13.94 -3.74 4.42
N VAL B 275 -13.78 -4.86 3.70
CA VAL B 275 -12.45 -5.40 3.47
C VAL B 275 -11.64 -4.46 2.59
N GLU B 276 -12.22 -4.04 1.47
CA GLU B 276 -11.52 -3.11 0.59
C GLU B 276 -11.23 -1.79 1.29
N GLY B 277 -12.23 -1.23 1.97
CA GLY B 277 -12.03 0.06 2.62
C GLY B 277 -10.88 0.07 3.61
N ASN B 278 -10.56 -1.09 4.18
CA ASN B 278 -9.41 -1.25 5.06
C ASN B 278 -8.24 -1.93 4.35
N GLY B 279 -8.25 -1.97 3.00
CA GLY B 279 -7.15 -2.54 2.26
C GLY B 279 -6.00 -1.56 2.00
N TYR B 280 -4.82 -2.14 1.79
CA TYR B 280 -3.61 -1.34 1.63
C TYR B 280 -3.69 -0.38 0.45
N ASP B 281 -4.23 -0.85 -0.68
CA ASP B 281 -4.41 0.00 -1.86
C ASP B 281 -5.17 1.28 -1.53
N PHE B 282 -6.13 1.21 -0.60
CA PHE B 282 -6.86 2.40 -0.18
C PHE B 282 -6.12 3.20 0.87
N ILE B 283 -5.41 2.52 1.78
CA ILE B 283 -4.75 3.16 2.93
C ILE B 283 -3.50 3.94 2.52
N LEU B 284 -2.76 3.45 1.54
CA LEU B 284 -1.41 3.95 1.29
C LEU B 284 -1.33 4.96 0.16
N GLN B 285 -2.45 5.32 -0.45
CA GLN B 285 -2.43 6.30 -1.53
C GLN B 285 -3.52 7.33 -1.33
N PRO B 286 -3.33 8.54 -1.85
CA PRO B 286 -4.38 9.57 -1.71
C PRO B 286 -5.64 9.15 -2.45
N GLN B 287 -6.80 9.44 -1.84
CA GLN B 287 -8.06 9.11 -2.48
C GLN B 287 -8.94 10.36 -2.59
N PRO B 288 -9.63 10.55 -3.72
CA PRO B 288 -10.54 11.69 -3.84
C PRO B 288 -11.69 11.56 -2.86
N VAL B 289 -12.18 12.71 -2.38
CA VAL B 289 -13.28 12.73 -1.43
C VAL B 289 -14.29 13.79 -1.82
N ASP B 290 -15.54 13.54 -1.45
CA ASP B 290 -16.62 14.51 -1.56
C ASP B 290 -16.99 15.00 -0.16
N GLU B 291 -17.13 16.31 -0.02
CA GLU B 291 -17.53 16.86 1.27
C GLU B 291 -19.01 16.57 1.52
N VAL B 292 -19.36 16.43 2.80
CA VAL B 292 -20.71 16.10 3.22
C VAL B 292 -20.80 16.34 4.73
N ASP B 293 -22.00 16.62 5.24
CA ASP B 293 -22.19 16.92 6.65
C ASP B 293 -22.67 15.72 7.46
N THR B 294 -22.89 14.58 6.81
CA THR B 294 -23.43 13.40 7.48
C THR B 294 -23.04 12.18 6.65
N THR B 295 -23.38 11.02 7.17
CA THR B 295 -23.31 9.81 6.38
C THR B 295 -24.59 9.69 5.54
N PRO B 296 -24.48 9.13 4.32
CA PRO B 296 -25.67 9.04 3.46
C PRO B 296 -26.80 8.22 4.07
N ASP B 297 -26.50 7.19 4.85
CA ASP B 297 -27.48 6.39 5.55
C ASP B 297 -27.48 6.75 7.04
N ARG B 298 -28.65 6.61 7.68
CA ARG B 298 -28.72 6.91 9.11
C ARG B 298 -28.22 5.74 9.96
N ARG B 299 -28.41 4.50 9.51
CA ARG B 299 -27.87 3.35 10.21
C ARG B 299 -26.49 3.03 9.63
N VAL B 300 -25.47 3.04 10.50
CA VAL B 300 -24.08 2.91 10.08
C VAL B 300 -23.35 1.95 11.00
N ILE B 301 -22.23 1.43 10.49
CA ILE B 301 -21.23 0.76 11.30
C ILE B 301 -19.93 1.57 11.21
N LEU B 302 -19.31 1.83 12.36
CA LEU B 302 -18.04 2.54 12.43
C LEU B 302 -16.95 1.58 12.89
N ASN B 303 -15.79 1.62 12.23
CA ASN B 303 -14.69 0.73 12.59
C ASN B 303 -13.37 1.48 12.62
N LYS B 304 -12.35 0.83 13.19
CA LYS B 304 -10.98 1.36 13.20
C LYS B 304 -10.04 0.20 13.48
N THR B 305 -9.14 -0.07 12.55
CA THR B 305 -8.03 -1.00 12.74
C THR B 305 -6.89 -0.31 13.49
N GLY B 306 -6.03 -1.13 14.09
CA GLY B 306 -4.85 -0.61 14.77
C GLY B 306 -3.81 -1.67 15.02
N SER B 307 -2.55 -1.37 14.69
CA SER B 307 -1.47 -2.34 14.71
C SER B 307 -0.17 -1.70 15.19
N THR B 308 0.72 -2.54 15.72
CA THR B 308 2.12 -2.22 15.86
C THR B 308 2.87 -3.39 15.26
N ASN B 309 4.21 -3.40 15.33
CA ASN B 309 4.95 -4.52 14.78
C ASN B 309 4.51 -5.84 15.41
N GLY B 310 4.12 -5.81 16.68
CA GLY B 310 3.74 -7.03 17.37
C GLY B 310 2.26 -7.25 17.63
N PHE B 311 1.39 -6.32 17.23
CA PHE B 311 0.02 -6.35 17.72
C PHE B 311 -0.98 -6.07 16.59
N GLY B 312 -2.13 -6.73 16.67
CA GLY B 312 -3.25 -6.52 15.77
C GLY B 312 -4.58 -6.31 16.48
N GLY B 313 -5.15 -5.11 16.35
CA GLY B 313 -6.38 -4.76 17.04
C GLY B 313 -7.44 -4.30 16.05
N TYR B 314 -8.67 -4.21 16.54
CA TYR B 314 -9.80 -3.78 15.73
C TYR B 314 -10.99 -3.51 16.64
N ILE B 315 -11.70 -2.41 16.36
CA ILE B 315 -12.93 -2.08 17.06
C ILE B 315 -14.01 -1.76 16.04
N ALA B 316 -15.26 -2.07 16.39
CA ALA B 316 -16.42 -1.81 15.55
C ALA B 316 -17.63 -1.55 16.44
N ILE B 317 -18.44 -0.56 16.06
CA ILE B 317 -19.69 -0.27 16.76
C ILE B 317 -20.83 -0.13 15.75
N VAL B 318 -22.00 -0.65 16.13
CA VAL B 318 -23.24 -0.51 15.37
C VAL B 318 -24.23 0.20 16.31
N PRO B 319 -24.33 1.53 16.26
CA PRO B 319 -25.15 2.24 17.25
C PRO B 319 -26.64 1.90 17.20
N SER B 320 -27.19 1.62 16.02
CA SER B 320 -28.60 1.21 15.92
C SER B 320 -28.83 -0.17 16.51
N GLU B 321 -27.78 -0.89 16.88
CA GLU B 321 -27.92 -2.15 17.60
C GLU B 321 -27.31 -2.12 18.99
N ASP B 322 -26.84 -0.96 19.45
CA ASP B 322 -26.17 -0.82 20.75
C ASP B 322 -25.12 -1.91 20.93
N LEU B 323 -24.37 -2.17 19.86
CA LEU B 323 -23.43 -3.29 19.78
C LEU B 323 -22.04 -2.74 19.53
N GLY B 324 -21.08 -3.22 20.32
CA GLY B 324 -19.68 -2.89 20.18
C GLY B 324 -18.81 -4.12 20.35
N VAL B 325 -17.78 -4.24 19.53
CA VAL B 325 -16.81 -5.34 19.57
C VAL B 325 -15.40 -4.76 19.55
N VAL B 326 -14.54 -5.32 20.40
CA VAL B 326 -13.10 -5.04 20.37
C VAL B 326 -12.36 -6.37 20.31
N VAL B 327 -11.38 -6.46 19.42
CA VAL B 327 -10.58 -7.68 19.26
C VAL B 327 -9.10 -7.30 19.29
N LEU B 328 -8.40 -7.78 20.32
CA LEU B 328 -7.00 -7.46 20.55
C LEU B 328 -6.19 -8.74 20.50
N ALA B 329 -5.09 -8.71 19.74
CA ALA B 329 -4.21 -9.87 19.60
C ALA B 329 -2.77 -9.38 19.70
N ASN B 330 -1.93 -10.19 20.32
CA ASN B 330 -0.49 -9.94 20.30
C ASN B 330 0.17 -10.63 19.11
N ARG B 331 -0.51 -10.60 17.97
CA ARG B 331 0.14 -10.82 16.69
C ARG B 331 -0.45 -9.81 15.71
N ASN B 332 0.41 -9.19 14.89
CA ASN B 332 -0.07 -8.37 13.79
C ASN B 332 -0.54 -9.32 12.68
N TYR B 333 -1.84 -9.34 12.40
CA TYR B 333 -2.39 -10.20 11.37
C TYR B 333 -3.31 -9.36 10.49
N PRO B 334 -3.57 -9.81 9.24
CA PRO B 334 -4.09 -8.90 8.21
C PRO B 334 -5.43 -8.27 8.54
N ASN B 335 -5.62 -7.03 8.06
CA ASN B 335 -6.87 -6.31 8.29
C ASN B 335 -8.06 -7.09 7.77
N GLU B 336 -7.93 -7.68 6.58
CA GLU B 336 -9.03 -8.46 6.01
C GLU B 336 -9.47 -9.54 6.99
N ALA B 337 -8.52 -10.19 7.66
CA ALA B 337 -8.86 -11.24 8.61
C ALA B 337 -9.61 -10.69 9.83
N ARG B 338 -9.21 -9.52 10.34
CA ARG B 338 -9.92 -8.97 11.49
C ARG B 338 -11.33 -8.54 11.08
N VAL B 339 -11.48 -8.03 9.86
CA VAL B 339 -12.79 -7.56 9.40
C VAL B 339 -13.75 -8.73 9.24
N ARG B 340 -13.35 -9.76 8.49
CA ARG B 340 -14.27 -10.86 8.21
C ARG B 340 -14.65 -11.60 9.49
N ALA B 341 -13.67 -11.90 10.34
CA ALA B 341 -13.97 -12.58 11.59
C ALA B 341 -14.88 -11.74 12.50
N THR B 342 -14.59 -10.44 12.60
CA THR B 342 -15.45 -9.56 13.39
C THR B 342 -16.86 -9.45 12.79
N TYR B 343 -16.93 -9.27 11.45
CA TYR B 343 -18.22 -9.20 10.79
C TYR B 343 -19.02 -10.48 10.99
N ASP B 344 -18.35 -11.64 10.96
CA ASP B 344 -19.00 -12.92 11.17
C ASP B 344 -19.60 -13.01 12.57
N LEU B 345 -18.83 -12.61 13.58
CA LEU B 345 -19.32 -12.65 14.96
C LEU B 345 -20.51 -11.73 15.16
N ILE B 346 -20.47 -10.52 14.58
CA ILE B 346 -21.58 -9.58 14.69
C ILE B 346 -22.86 -10.18 14.11
N THR B 347 -22.76 -10.78 12.91
CA THR B 347 -23.97 -11.33 12.31
C THR B 347 -24.52 -12.49 13.12
N HIS B 348 -23.66 -13.25 13.81
CA HIS B 348 -24.15 -14.29 14.71
C HIS B 348 -24.86 -13.69 15.92
N ILE B 349 -24.30 -12.62 16.48
CA ILE B 349 -24.90 -11.95 17.62
C ILE B 349 -26.27 -11.38 17.27
N LEU B 350 -26.46 -10.93 16.03
CA LEU B 350 -27.68 -10.25 15.63
C LEU B 350 -28.65 -11.18 14.90
N ALA B 351 -28.62 -12.48 15.21
CA ALA B 351 -29.48 -13.45 14.55
C ALA B 351 -30.48 -14.05 15.55
P PO4 C . 3.25 -3.19 -10.28
O1 PO4 C . 2.97 -3.00 -8.80
O2 PO4 C . 2.38 -2.30 -11.16
O3 PO4 C . 4.68 -2.81 -10.63
O4 PO4 C . 3.05 -4.66 -10.63
P PO4 D . 2.21 8.56 -27.28
O1 PO4 D . 1.91 8.69 -25.79
O2 PO4 D . 1.00 9.08 -28.07
O3 PO4 D . 3.46 9.39 -27.61
O4 PO4 D . 2.44 7.09 -27.64
P PO4 E . 0.26 -5.06 -8.39
O1 PO4 E . -0.85 -4.08 -8.04
O2 PO4 E . -0.24 -6.47 -8.12
O3 PO4 E . 1.48 -4.77 -7.55
O4 PO4 E . 0.64 -4.95 -9.86
P PO4 F . -3.84 1.37 10.50
O1 PO4 F . -2.60 1.86 11.23
O2 PO4 F . -4.95 2.37 10.68
O3 PO4 F . -4.33 0.06 11.09
O4 PO4 F . -3.51 1.17 9.04
P PO4 G . -2.34 -2.16 9.28
O1 PO4 G . -2.77 -1.87 10.71
O2 PO4 G . -3.32 -1.47 8.34
O3 PO4 G . -0.95 -1.66 8.98
O4 PO4 G . -2.37 -3.66 9.09
P PO4 H . 4.63 14.23 24.49
O1 PO4 H . 3.99 15.62 24.41
O2 PO4 H . 3.66 13.25 25.12
O3 PO4 H . 5.86 14.30 25.37
O4 PO4 H . 4.99 13.76 23.11
#